data_3PXJ
#
_entry.id   3PXJ
#
_cell.length_a   72.957
_cell.length_b   77.513
_cell.length_c   81.726
_cell.angle_alpha   90.000
_cell.angle_beta   101.080
_cell.angle_gamma   90.000
#
_symmetry.space_group_name_H-M   'P 1 21 1'
#
loop_
_entity.id
_entity.type
_entity.pdbx_description
1 polymer 'Tyrosine-protein phosphatase Lar'
2 water water
#
_entity_poly.entity_id   1
_entity_poly.type   'polypeptide(L)'
_entity_poly.pdbx_seq_one_letter_code
;GPGSAAHPPEIIRKPQNQGVRVGGVASFYCAARGDPPPSIVWRKNGKKVSGTQSRYTVLEQPGGISILRIEPVRAGRDDA
PYECVAENGVGDAVSADATLTIYEGDKTPAGFPVITQGPGTRVIEVGHTVLMTCKAIGNPTPNIYWIKNQTKVDMSNPRY
SLKDGFLQIENSREEDQGKYECVAENSMGTEHSKATNLYVKVRRVPPTFS
;
_entity_poly.pdbx_strand_id   A,B,C,D
#
# COMPACT_ATOMS: atom_id res chain seq x y z
N ALA A 5 5.66 -22.58 -3.09
CA ALA A 5 6.91 -21.86 -3.28
C ALA A 5 8.07 -22.78 -3.62
N ALA A 6 8.42 -22.89 -4.89
CA ALA A 6 9.53 -23.74 -5.24
C ALA A 6 10.52 -23.21 -6.26
N HIS A 7 11.25 -22.13 -6.00
CA HIS A 7 12.20 -21.72 -7.04
C HIS A 7 13.63 -21.42 -6.63
N PRO A 8 14.54 -21.74 -7.52
CA PRO A 8 15.96 -21.53 -7.38
C PRO A 8 16.37 -20.07 -7.42
N PRO A 9 17.45 -19.71 -6.77
CA PRO A 9 17.82 -18.31 -6.68
C PRO A 9 18.22 -17.69 -8.03
N GLU A 10 17.79 -16.46 -8.22
CA GLU A 10 18.06 -15.73 -9.45
C GLU A 10 18.62 -14.37 -9.16
N ILE A 11 19.71 -14.00 -9.82
CA ILE A 11 20.25 -12.68 -9.62
C ILE A 11 19.54 -11.71 -10.55
N ILE A 12 18.75 -10.81 -9.99
CA ILE A 12 18.06 -9.83 -10.78
C ILE A 12 18.74 -8.48 -10.84
N ARG A 13 19.72 -8.28 -10.00
CA ARG A 13 20.64 -7.21 -10.22
C ARG A 13 22.08 -7.57 -9.88
N LYS A 14 22.91 -7.61 -10.90
CA LYS A 14 24.33 -7.79 -10.75
C LYS A 14 25.04 -6.56 -10.30
N PRO A 15 26.11 -6.77 -9.58
CA PRO A 15 26.98 -5.72 -9.13
C PRO A 15 27.69 -5.13 -10.30
N GLN A 16 28.03 -3.86 -10.20
CA GLN A 16 28.73 -3.22 -11.26
C GLN A 16 30.08 -2.74 -10.81
N ASN A 17 31.02 -2.74 -11.72
CA ASN A 17 32.36 -2.30 -11.43
C ASN A 17 32.38 -0.88 -11.01
N GLN A 18 33.25 -0.54 -10.09
CA GLN A 18 33.31 0.82 -9.64
C GLN A 18 34.71 1.33 -9.71
N GLY A 19 34.81 2.63 -9.83
CA GLY A 19 36.05 3.31 -9.72
C GLY A 19 35.81 4.32 -8.66
N VAL A 20 36.71 4.44 -7.72
CA VAL A 20 36.55 5.31 -6.60
C VAL A 20 37.89 5.93 -6.30
N ARG A 21 37.89 7.10 -5.72
CA ARG A 21 39.10 7.72 -5.23
C ARG A 21 39.51 7.15 -3.91
N VAL A 22 40.82 7.09 -3.66
CA VAL A 22 41.34 6.51 -2.43
C VAL A 22 40.83 7.35 -1.30
N GLY A 23 40.44 6.70 -0.23
CA GLY A 23 39.83 7.39 0.89
C GLY A 23 38.37 7.61 0.69
N GLY A 24 37.84 7.13 -0.42
CA GLY A 24 36.47 7.35 -0.83
C GLY A 24 35.51 6.35 -0.27
N VAL A 25 34.33 6.26 -0.84
CA VAL A 25 33.33 5.33 -0.45
C VAL A 25 33.04 4.55 -1.69
N ALA A 26 32.84 3.26 -1.55
CA ALA A 26 32.38 2.49 -2.68
C ALA A 26 31.30 1.56 -2.24
N SER A 27 30.38 1.26 -3.13
CA SER A 27 29.34 0.32 -2.84
C SER A 27 28.97 -0.49 -4.03
N PHE A 28 28.55 -1.72 -3.77
CA PHE A 28 28.13 -2.65 -4.76
C PHE A 28 26.73 -3.08 -4.38
N TYR A 29 25.86 -3.24 -5.35
CA TYR A 29 24.49 -3.61 -5.10
C TYR A 29 24.23 -4.96 -5.70
N CYS A 30 23.52 -5.83 -5.00
CA CYS A 30 23.10 -7.11 -5.54
C CYS A 30 21.66 -7.33 -5.18
N ALA A 31 20.92 -8.00 -6.06
CA ALA A 31 19.56 -8.40 -5.73
C ALA A 31 19.23 -9.74 -6.32
N ALA A 32 18.35 -10.47 -5.69
CA ALA A 32 18.01 -11.79 -6.15
C ALA A 32 16.66 -12.22 -5.68
N ARG A 33 16.17 -13.30 -6.23
CA ARG A 33 14.91 -13.79 -5.78
C ARG A 33 14.78 -15.24 -6.03
N GLY A 34 13.89 -15.87 -5.30
CA GLY A 34 13.59 -17.26 -5.49
C GLY A 34 12.46 -17.61 -4.58
N ASP A 35 11.98 -18.84 -4.69
CA ASP A 35 11.15 -19.45 -3.67
C ASP A 35 11.91 -20.62 -3.14
N PRO A 36 12.24 -20.62 -1.85
CA PRO A 36 12.06 -19.46 -0.98
C PRO A 36 13.17 -18.46 -1.17
N PRO A 37 13.03 -17.30 -0.55
CA PRO A 37 13.94 -16.19 -0.78
C PRO A 37 15.36 -16.50 -0.37
N PRO A 38 16.30 -16.16 -1.23
CA PRO A 38 17.71 -16.38 -0.97
C PRO A 38 18.29 -15.45 0.03
N SER A 39 19.33 -15.92 0.67
CA SER A 39 20.23 -15.07 1.37
C SER A 39 21.27 -14.63 0.37
N ILE A 40 21.88 -13.50 0.63
CA ILE A 40 22.98 -13.05 -0.18
C ILE A 40 24.25 -12.92 0.63
N VAL A 41 25.32 -13.50 0.16
CA VAL A 41 26.59 -13.41 0.85
C VAL A 41 27.58 -12.67 0.00
N TRP A 42 28.40 -11.84 0.60
CA TRP A 42 29.42 -11.12 -0.13
C TRP A 42 30.79 -11.72 0.09
N ARG A 43 31.53 -11.84 -0.99
CA ARG A 43 32.83 -12.44 -1.01
C ARG A 43 33.85 -11.47 -1.55
N LYS A 44 35.01 -11.45 -0.95
CA LYS A 44 36.14 -10.72 -1.47
C LYS A 44 37.29 -11.67 -1.79
N ASN A 45 37.67 -11.70 -3.05
CA ASN A 45 38.74 -12.53 -3.52
C ASN A 45 38.47 -13.94 -3.15
N GLY A 46 37.18 -14.24 -3.12
CA GLY A 46 36.69 -15.56 -2.80
C GLY A 46 36.48 -15.81 -1.33
N LYS A 47 36.80 -14.85 -0.48
CA LYS A 47 36.76 -15.08 0.94
C LYS A 47 35.60 -14.32 1.50
N LYS A 48 34.75 -14.97 2.27
CA LYS A 48 33.54 -14.31 2.70
C LYS A 48 33.94 -13.13 3.49
N VAL A 49 33.16 -12.08 3.38
CA VAL A 49 33.52 -10.81 3.94
C VAL A 49 33.21 -10.73 5.39
N SER A 50 34.23 -10.32 6.12
CA SER A 50 34.36 -10.46 7.55
C SER A 50 33.32 -9.71 8.30
N GLY A 51 32.81 -10.34 9.34
CA GLY A 51 31.96 -9.65 10.28
C GLY A 51 32.72 -8.57 10.99
N THR A 52 33.98 -8.85 11.28
CA THR A 52 34.88 -7.91 11.93
C THR A 52 35.19 -6.67 11.13
N GLN A 53 35.40 -6.80 9.84
CA GLN A 53 36.11 -5.75 9.14
C GLN A 53 35.30 -4.50 9.23
N SER A 54 35.94 -3.48 9.75
CA SER A 54 35.31 -2.23 10.08
C SER A 54 34.92 -1.45 8.88
N ARG A 55 35.69 -1.58 7.82
CA ARG A 55 35.46 -0.76 6.66
C ARG A 55 34.33 -1.24 5.79
N TYR A 56 33.98 -2.50 5.89
CA TYR A 56 32.92 -3.05 5.11
C TYR A 56 31.68 -3.16 5.95
N THR A 57 30.57 -2.66 5.46
CA THR A 57 29.33 -2.96 6.09
C THR A 57 28.34 -3.40 5.07
N VAL A 58 27.52 -4.36 5.45
CA VAL A 58 26.56 -4.93 4.57
C VAL A 58 25.18 -4.52 5.01
N LEU A 59 24.41 -3.97 4.09
CA LEU A 59 23.07 -3.53 4.38
C LEU A 59 22.13 -4.35 3.59
N GLU A 60 21.09 -4.83 4.23
CA GLU A 60 20.16 -5.72 3.62
C GLU A 60 18.93 -4.90 3.54
N GLN A 61 18.34 -4.84 2.36
CA GLN A 61 17.23 -3.95 2.14
C GLN A 61 16.10 -4.70 1.49
N PRO A 62 14.89 -4.39 1.86
CA PRO A 62 13.77 -5.15 1.34
C PRO A 62 13.60 -4.86 -0.13
N GLY A 63 13.02 -5.83 -0.85
CA GLY A 63 13.10 -5.92 -2.29
C GLY A 63 14.18 -6.87 -2.71
N GLY A 64 14.80 -7.50 -1.74
CA GLY A 64 15.85 -8.45 -2.03
C GLY A 64 17.22 -7.88 -2.26
N ILE A 65 17.40 -6.60 -1.99
CA ILE A 65 18.67 -5.95 -2.19
C ILE A 65 19.69 -6.20 -1.09
N SER A 66 20.93 -6.39 -1.47
CA SER A 66 22.01 -6.38 -0.53
C SER A 66 23.09 -5.39 -0.98
N ILE A 67 23.60 -4.62 -0.05
CA ILE A 67 24.56 -3.61 -0.37
C ILE A 67 25.84 -3.77 0.43
N LEU A 68 26.96 -3.75 -0.23
CA LEU A 68 28.23 -3.78 0.43
C LEU A 68 28.89 -2.43 0.32
N ARG A 69 29.15 -1.80 1.44
CA ARG A 69 29.74 -0.48 1.48
C ARG A 69 31.16 -0.51 2.03
N ILE A 70 32.12 0.06 1.31
CA ILE A 70 33.50 0.13 1.77
C ILE A 70 33.89 1.56 2.03
N GLU A 71 34.07 1.94 3.28
CA GLU A 71 34.44 3.29 3.61
C GLU A 71 35.37 3.30 4.79
N PRO A 72 36.53 3.91 4.75
CA PRO A 72 37.17 4.53 3.59
C PRO A 72 37.91 3.56 2.69
N VAL A 73 37.90 3.81 1.41
CA VAL A 73 38.59 2.92 0.52
C VAL A 73 40.12 3.02 0.64
N ARG A 74 40.74 1.86 0.70
CA ARG A 74 42.16 1.74 0.93
C ARG A 74 42.79 1.29 -0.35
N ALA A 75 43.83 1.97 -0.77
CA ALA A 75 44.38 1.70 -2.08
C ALA A 75 44.94 0.31 -2.32
N GLY A 76 45.71 -0.23 -1.41
CA GLY A 76 46.13 -1.59 -1.67
C GLY A 76 45.09 -2.64 -1.48
N ARG A 77 44.52 -2.63 -0.31
CA ARG A 77 43.69 -3.70 0.17
C ARG A 77 42.44 -3.92 -0.62
N ASP A 78 41.84 -2.85 -1.08
CA ASP A 78 40.49 -2.90 -1.57
C ASP A 78 40.38 -3.17 -3.06
N ASP A 79 41.52 -3.31 -3.72
CA ASP A 79 41.57 -3.53 -5.14
C ASP A 79 41.38 -5.00 -5.35
N ALA A 80 40.13 -5.41 -5.51
CA ALA A 80 39.74 -6.80 -5.48
C ALA A 80 38.41 -7.03 -6.14
N PRO A 81 38.04 -8.29 -6.29
CA PRO A 81 36.75 -8.66 -6.85
C PRO A 81 35.76 -9.01 -5.76
N TYR A 82 34.60 -8.40 -5.78
CA TYR A 82 33.61 -8.65 -4.77
C TYR A 82 32.49 -9.38 -5.41
N GLU A 83 32.21 -10.55 -4.90
CA GLU A 83 31.25 -11.39 -5.52
C GLU A 83 30.10 -11.57 -4.59
N CYS A 84 28.89 -11.56 -5.13
CA CYS A 84 27.72 -11.71 -4.31
C CYS A 84 27.10 -13.04 -4.60
N VAL A 85 26.72 -13.76 -3.57
CA VAL A 85 26.25 -15.12 -3.74
C VAL A 85 24.86 -15.27 -3.20
N ALA A 86 24.00 -15.96 -3.91
CA ALA A 86 22.64 -16.16 -3.47
C ALA A 86 22.23 -17.64 -3.42
N GLU A 87 21.70 -18.08 -2.28
CA GLU A 87 21.29 -19.47 -2.07
C GLU A 87 19.95 -19.58 -1.35
N ASN A 88 19.13 -20.54 -1.73
CA ASN A 88 17.88 -20.75 -1.05
C ASN A 88 17.56 -22.22 -0.74
N GLY A 89 18.52 -23.09 -0.96
CA GLY A 89 18.31 -24.51 -0.78
C GLY A 89 17.69 -25.20 -1.96
N VAL A 90 17.46 -24.48 -3.04
CA VAL A 90 16.96 -25.08 -4.25
C VAL A 90 17.98 -24.89 -5.34
N GLY A 91 18.23 -25.94 -6.10
CA GLY A 91 19.18 -25.88 -7.18
C GLY A 91 20.62 -25.51 -6.90
N ASP A 92 21.12 -24.54 -7.64
CA ASP A 92 22.50 -24.13 -7.49
C ASP A 92 22.53 -22.69 -7.01
N ALA A 93 23.60 -22.36 -6.32
CA ALA A 93 23.82 -20.98 -5.93
C ALA A 93 24.09 -20.20 -7.18
N VAL A 94 23.72 -18.93 -7.17
CA VAL A 94 24.03 -18.06 -8.29
C VAL A 94 24.90 -16.98 -7.78
N SER A 95 25.94 -16.66 -8.52
CA SER A 95 26.86 -15.64 -8.11
C SER A 95 27.16 -14.64 -9.22
N ALA A 96 27.43 -13.40 -8.84
CA ALA A 96 27.88 -12.40 -9.76
C ALA A 96 28.91 -11.51 -9.11
N ASP A 97 29.92 -11.09 -9.84
CA ASP A 97 30.96 -10.24 -9.26
C ASP A 97 31.34 -8.95 -10.00
N ALA A 98 31.98 -8.04 -9.29
CA ALA A 98 32.46 -6.83 -9.90
C ALA A 98 33.78 -6.42 -9.31
N THR A 99 34.64 -5.82 -10.10
CA THR A 99 35.87 -5.21 -9.60
C THR A 99 35.76 -3.79 -9.05
N LEU A 100 36.78 -3.36 -8.36
CA LEU A 100 36.90 -2.02 -7.88
C LEU A 100 38.23 -1.46 -8.31
N THR A 101 38.22 -0.32 -8.98
CA THR A 101 39.45 0.28 -9.42
C THR A 101 39.57 1.42 -8.52
N ILE A 102 40.76 1.66 -8.01
CA ILE A 102 40.97 2.73 -7.08
C ILE A 102 41.98 3.70 -7.61
N TYR A 103 41.66 4.99 -7.56
CA TYR A 103 42.51 6.01 -8.14
C TYR A 103 43.23 6.85 -7.14
N GLU A 104 44.54 6.69 -7.10
CA GLU A 104 45.43 7.47 -6.26
C GLU A 104 45.61 8.87 -6.75
N GLY A 105 45.75 9.79 -5.81
CA GLY A 105 46.10 11.14 -6.15
C GLY A 105 45.11 11.61 -7.16
N ASP A 106 45.60 12.24 -8.22
CA ASP A 106 44.76 12.73 -9.28
C ASP A 106 44.73 11.85 -10.49
N LYS A 107 45.34 10.68 -10.42
CA LYS A 107 45.46 9.85 -11.61
C LYS A 107 44.13 9.13 -11.79
N THR A 108 43.17 9.89 -12.31
CA THR A 108 41.79 9.49 -12.46
C THR A 108 41.48 9.56 -13.91
N PRO A 109 40.47 8.84 -14.32
CA PRO A 109 40.06 8.84 -15.71
C PRO A 109 39.51 10.18 -16.04
N ALA A 110 39.68 10.61 -17.28
CA ALA A 110 39.26 11.92 -17.67
C ALA A 110 37.76 11.96 -17.55
N GLY A 111 37.22 12.97 -16.91
CA GLY A 111 35.80 13.02 -16.68
C GLY A 111 35.27 12.25 -15.50
N PHE A 112 36.14 11.84 -14.60
CA PHE A 112 35.73 11.23 -13.36
C PHE A 112 34.98 12.33 -12.67
N PRO A 113 33.88 12.01 -12.03
CA PRO A 113 33.02 13.00 -11.40
C PRO A 113 33.70 13.70 -10.26
N VAL A 114 33.43 14.98 -10.12
CA VAL A 114 33.95 15.81 -9.05
C VAL A 114 32.80 16.53 -8.43
N ILE A 115 32.82 16.69 -7.13
CA ILE A 115 31.73 17.35 -6.45
C ILE A 115 32.22 18.71 -6.05
N THR A 116 31.84 19.74 -6.77
CA THR A 116 32.31 21.04 -6.44
C THR A 116 31.86 21.51 -5.08
N GLN A 117 30.57 21.36 -4.82
CA GLN A 117 30.03 21.78 -3.55
C GLN A 117 29.22 20.66 -2.97
N GLY A 118 29.24 20.55 -1.66
CA GLY A 118 28.62 19.46 -0.96
C GLY A 118 27.65 20.01 0.04
N PRO A 119 26.80 19.15 0.56
CA PRO A 119 25.75 19.56 1.49
C PRO A 119 26.34 19.99 2.79
N GLY A 120 25.71 20.91 3.47
CA GLY A 120 26.19 21.34 4.76
C GLY A 120 25.16 20.96 5.79
N THR A 121 25.54 20.77 7.03
CA THR A 121 24.58 20.42 8.06
C THR A 121 23.62 21.56 8.38
N ARG A 122 22.34 21.24 8.57
CA ARG A 122 21.31 22.23 8.81
C ARG A 122 20.32 21.85 9.89
N VAL A 123 19.74 22.83 10.53
CA VAL A 123 18.60 22.62 11.37
C VAL A 123 17.39 23.31 10.78
N ILE A 124 16.32 22.59 10.66
CA ILE A 124 15.16 23.18 10.08
C ILE A 124 13.97 22.96 10.93
N GLU A 125 13.15 23.98 11.00
CA GLU A 125 11.94 23.98 11.78
C GLU A 125 10.89 23.10 11.14
N VAL A 126 10.08 22.44 11.92
CA VAL A 126 9.10 21.57 11.31
C VAL A 126 8.14 22.38 10.47
N GLY A 127 7.77 21.86 9.31
CA GLY A 127 6.89 22.55 8.38
C GLY A 127 7.54 23.45 7.35
N HIS A 128 8.85 23.50 7.36
CA HIS A 128 9.61 24.34 6.50
C HIS A 128 10.33 23.51 5.51
N THR A 129 10.81 24.11 4.45
CA THR A 129 11.44 23.34 3.42
C THR A 129 12.93 23.60 3.39
N VAL A 130 13.69 22.62 2.97
CA VAL A 130 15.11 22.80 2.96
C VAL A 130 15.67 22.47 1.65
N LEU A 131 16.77 23.10 1.33
CA LEU A 131 17.50 22.77 0.15
C LEU A 131 18.82 22.24 0.58
N MET A 132 19.23 21.13 0.04
CA MET A 132 20.56 20.61 0.27
C MET A 132 21.30 20.55 -1.02
N THR A 133 22.54 20.97 -1.00
CA THR A 133 23.30 21.21 -2.19
C THR A 133 24.29 20.09 -2.53
N CYS A 134 24.31 19.67 -3.79
CA CYS A 134 25.38 18.87 -4.39
C CYS A 134 25.64 19.65 -5.68
N LYS A 135 26.88 19.91 -5.99
CA LYS A 135 27.22 20.49 -7.28
C LYS A 135 28.27 19.63 -7.89
N ALA A 136 28.01 19.08 -9.06
CA ALA A 136 28.93 18.15 -9.66
C ALA A 136 29.16 18.37 -11.13
N ILE A 137 30.32 17.96 -11.60
CA ILE A 137 30.65 17.95 -13.01
C ILE A 137 31.32 16.66 -13.37
N GLY A 138 31.11 16.21 -14.58
CA GLY A 138 31.88 15.12 -15.11
C GLY A 138 31.58 15.04 -16.56
N ASN A 139 32.34 14.26 -17.30
CA ASN A 139 31.96 13.89 -18.62
C ASN A 139 32.10 12.40 -18.74
N PRO A 140 31.05 11.65 -18.98
CA PRO A 140 29.71 12.12 -19.29
C PRO A 140 29.07 12.69 -18.06
N THR A 141 28.07 13.52 -18.20
CA THR A 141 27.56 14.24 -17.05
C THR A 141 26.99 13.28 -16.01
N PRO A 142 27.39 13.49 -14.77
CA PRO A 142 27.00 12.62 -13.69
C PRO A 142 25.55 12.71 -13.37
N ASN A 143 24.92 11.56 -13.24
CA ASN A 143 23.64 11.49 -12.62
C ASN A 143 23.86 11.67 -11.13
N ILE A 144 23.00 12.43 -10.49
CA ILE A 144 23.15 12.72 -9.09
C ILE A 144 22.01 12.15 -8.28
N TYR A 145 22.35 11.48 -7.19
CA TYR A 145 21.40 10.95 -6.24
C TYR A 145 21.86 11.09 -4.80
N TRP A 146 20.90 11.06 -3.91
CA TRP A 146 21.09 11.36 -2.52
C TRP A 146 20.85 10.17 -1.66
N ILE A 147 21.63 10.08 -0.60
CA ILE A 147 21.60 8.98 0.35
C ILE A 147 21.31 9.51 1.74
N LYS A 148 20.42 8.86 2.48
CA LYS A 148 20.34 9.12 3.90
C LYS A 148 20.64 7.88 4.73
N ASN A 149 21.63 7.98 5.61
CA ASN A 149 21.98 6.86 6.46
C ASN A 149 22.38 5.66 5.67
N GLN A 150 23.08 5.91 4.57
CA GLN A 150 23.60 4.86 3.74
C GLN A 150 22.57 4.24 2.81
N THR A 151 21.34 4.73 2.89
CA THR A 151 20.22 4.22 2.10
C THR A 151 19.77 5.24 1.08
N LYS A 152 19.43 4.78 -0.11
CA LYS A 152 18.99 5.69 -1.14
C LYS A 152 17.75 6.41 -0.68
N VAL A 153 17.75 7.73 -0.81
CA VAL A 153 16.57 8.49 -0.52
C VAL A 153 15.51 8.13 -1.52
N ASP A 154 14.29 7.98 -1.07
CA ASP A 154 13.24 7.58 -1.97
C ASP A 154 12.63 8.80 -2.64
N MET A 155 12.77 8.90 -3.94
CA MET A 155 12.27 10.06 -4.64
C MET A 155 10.84 9.87 -5.10
N SER A 156 10.29 8.72 -4.76
CA SER A 156 8.87 8.44 -4.87
C SER A 156 8.08 9.27 -3.87
N ASN A 157 8.74 9.70 -2.82
CA ASN A 157 8.09 10.48 -1.80
C ASN A 157 7.65 11.82 -2.38
N PRO A 158 6.41 12.20 -2.12
CA PRO A 158 5.84 13.41 -2.70
C PRO A 158 6.58 14.66 -2.29
N ARG A 159 7.07 14.68 -1.07
CA ARG A 159 7.73 15.83 -0.52
C ARG A 159 9.19 16.00 -0.94
N TYR A 160 9.73 15.09 -1.71
CA TYR A 160 11.14 15.15 -2.04
C TYR A 160 11.34 15.36 -3.52
N SER A 161 12.13 16.35 -3.88
CA SER A 161 12.53 16.52 -5.27
C SER A 161 13.92 17.10 -5.43
N LEU A 162 14.47 16.98 -6.61
CA LEU A 162 15.73 17.60 -6.94
C LEU A 162 15.50 18.84 -7.75
N LYS A 163 16.16 19.93 -7.35
CA LYS A 163 16.08 21.18 -8.09
C LYS A 163 17.21 21.24 -9.11
N ASP A 164 18.36 21.76 -8.68
CA ASP A 164 19.55 21.79 -9.52
C ASP A 164 20.59 20.84 -8.94
N GLY A 165 20.26 19.57 -8.91
CA GLY A 165 21.08 18.57 -8.29
C GLY A 165 20.94 18.74 -6.79
N PHE A 166 20.21 19.75 -6.40
CA PHE A 166 19.92 19.99 -5.02
C PHE A 166 18.77 19.15 -4.55
N LEU A 167 18.76 18.78 -3.29
CA LEU A 167 17.67 18.01 -2.80
C LEU A 167 16.76 18.91 -2.03
N GLN A 168 15.50 18.91 -2.40
CA GLN A 168 14.55 19.73 -1.71
C GLN A 168 13.59 18.86 -0.96
N ILE A 169 13.34 19.22 0.27
CA ILE A 169 12.39 18.52 1.07
C ILE A 169 11.44 19.52 1.60
N GLU A 170 10.17 19.35 1.31
CA GLU A 170 9.15 20.32 1.65
C GLU A 170 8.44 19.81 2.85
N ASN A 171 7.80 20.69 3.60
CA ASN A 171 6.99 20.29 4.74
C ASN A 171 7.69 19.38 5.72
N SER A 172 8.84 19.80 6.18
CA SER A 172 9.80 18.97 6.84
C SER A 172 9.15 18.31 8.00
N ARG A 173 9.52 17.07 8.23
CA ARG A 173 9.05 16.27 9.34
C ARG A 173 10.25 15.70 10.06
N GLU A 174 10.06 15.27 11.28
CA GLU A 174 11.16 14.79 12.11
C GLU A 174 11.83 13.60 11.43
N GLU A 175 11.03 12.81 10.76
CA GLU A 175 11.49 11.59 10.17
C GLU A 175 12.51 11.85 9.08
N ASP A 176 12.63 13.10 8.68
CA ASP A 176 13.56 13.48 7.65
C ASP A 176 14.94 13.62 8.19
N GLN A 177 15.06 13.60 9.50
CA GLN A 177 16.35 13.78 10.11
C GLN A 177 17.21 12.64 9.69
N GLY A 178 18.45 12.93 9.37
CA GLY A 178 19.35 11.88 8.98
C GLY A 178 20.67 12.43 8.60
N LYS A 179 21.56 11.56 8.17
CA LYS A 179 22.86 11.95 7.67
C LYS A 179 22.89 11.78 6.17
N TYR A 180 22.89 12.89 5.45
CA TYR A 180 22.71 12.89 4.01
C TYR A 180 24.03 12.98 3.27
N GLU A 181 24.09 12.36 2.11
CA GLU A 181 25.21 12.50 1.20
C GLU A 181 24.74 12.46 -0.25
N CYS A 182 25.54 13.07 -1.12
CA CYS A 182 25.24 13.13 -2.53
C CYS A 182 26.26 12.34 -3.33
N VAL A 183 25.79 11.62 -4.33
CA VAL A 183 26.64 10.79 -5.12
C VAL A 183 26.55 11.25 -6.55
N ALA A 184 27.69 11.37 -7.20
CA ALA A 184 27.70 11.66 -8.61
C ALA A 184 28.25 10.48 -9.35
N GLU A 185 27.44 9.91 -10.21
CA GLU A 185 27.75 8.66 -10.82
C GLU A 185 27.97 8.79 -12.31
N ASN A 186 29.09 8.26 -12.74
CA ASN A 186 29.62 8.39 -14.06
C ASN A 186 29.96 7.04 -14.61
N SER A 187 30.11 6.98 -15.90
CA SER A 187 30.65 5.84 -16.55
C SER A 187 32.07 5.66 -16.05
N MET A 188 32.78 6.74 -15.85
CA MET A 188 34.11 6.69 -15.26
C MET A 188 34.28 6.35 -13.79
N GLY A 189 33.45 6.90 -12.93
CA GLY A 189 33.71 6.79 -11.52
C GLY A 189 32.51 7.15 -10.71
N THR A 190 32.60 6.97 -9.40
CA THR A 190 31.61 7.43 -8.46
C THR A 190 32.24 8.28 -7.36
N GLU A 191 31.59 9.39 -7.04
CA GLU A 191 32.02 10.28 -5.99
C GLU A 191 30.90 10.51 -5.03
N HIS A 192 31.23 10.39 -3.76
CA HIS A 192 30.34 10.57 -2.65
C HIS A 192 30.81 11.80 -1.94
N SER A 193 29.88 12.66 -1.59
CA SER A 193 30.13 13.84 -0.80
C SER A 193 30.32 13.51 0.67
N LYS A 194 30.77 14.46 1.45
CA LYS A 194 30.86 14.24 2.87
C LYS A 194 29.50 14.17 3.52
N ALA A 195 29.28 13.20 4.38
CA ALA A 195 28.00 13.05 5.05
C ALA A 195 27.78 14.23 5.96
N THR A 196 26.53 14.64 6.11
CA THR A 196 26.22 15.70 7.02
C THR A 196 24.80 15.58 7.47
N ASN A 197 24.47 16.19 8.59
CA ASN A 197 23.23 15.94 9.27
C ASN A 197 22.15 16.95 8.98
N LEU A 198 20.92 16.48 8.94
CA LEU A 198 19.77 17.35 8.87
C LEU A 198 19.02 17.19 10.15
N TYR A 199 18.80 18.25 10.88
CA TYR A 199 18.11 18.16 12.17
C TYR A 199 16.79 18.88 12.07
N VAL A 200 15.75 18.35 12.69
CA VAL A 200 14.50 19.07 12.75
C VAL A 200 14.08 19.52 14.13
N LYS A 201 13.95 20.83 14.30
CA LYS A 201 13.47 21.36 15.53
C LYS A 201 11.97 21.49 15.50
N VAL A 202 11.44 21.87 16.65
CA VAL A 202 10.01 21.99 16.89
C VAL A 202 9.55 23.43 16.83
N ARG A 203 8.30 23.66 17.20
CA ARG A 203 7.75 24.96 17.61
C ARG A 203 7.99 26.14 16.66
N ALA B 5 -26.61 -40.11 15.01
CA ALA B 5 -25.91 -40.55 13.81
C ALA B 5 -24.44 -40.40 14.04
N ALA B 6 -23.63 -41.08 13.23
CA ALA B 6 -22.18 -40.94 13.37
C ALA B 6 -21.47 -40.62 12.08
N HIS B 7 -20.66 -39.58 12.11
CA HIS B 7 -19.81 -39.24 10.98
C HIS B 7 -18.46 -38.83 11.48
N PRO B 8 -17.44 -39.14 10.70
CA PRO B 8 -16.05 -38.81 11.00
C PRO B 8 -15.74 -37.35 10.85
N PRO B 9 -14.70 -36.92 11.53
CA PRO B 9 -14.31 -35.52 11.55
C PRO B 9 -13.88 -35.00 10.20
N GLU B 10 -14.37 -33.83 9.86
CA GLU B 10 -14.00 -33.19 8.63
C GLU B 10 -13.51 -31.77 8.89
N ILE B 11 -12.42 -31.37 8.28
CA ILE B 11 -11.93 -30.05 8.52
C ILE B 11 -12.56 -29.07 7.57
N ILE B 12 -13.38 -28.18 8.09
CA ILE B 12 -14.04 -27.15 7.30
C ILE B 12 -13.36 -25.78 7.22
N ARG B 13 -12.39 -25.51 8.09
CA ARG B 13 -11.45 -24.43 7.90
C ARG B 13 -10.02 -24.77 8.28
N LYS B 14 -9.15 -24.81 7.30
CA LYS B 14 -7.74 -25.05 7.51
C LYS B 14 -7.02 -23.84 8.02
N PRO B 15 -5.97 -24.07 8.77
CA PRO B 15 -5.08 -23.01 9.15
C PRO B 15 -4.44 -22.46 7.93
N GLN B 16 -4.10 -21.20 7.95
CA GLN B 16 -3.43 -20.59 6.84
C GLN B 16 -2.10 -20.12 7.31
N ASN B 17 -1.14 -20.06 6.42
CA ASN B 17 0.17 -19.59 6.74
C ASN B 17 0.17 -18.14 7.18
N GLN B 18 1.04 -17.79 8.09
CA GLN B 18 1.07 -16.45 8.61
C GLN B 18 2.41 -15.84 8.52
N GLY B 19 2.43 -14.54 8.33
CA GLY B 19 3.62 -13.76 8.38
C GLY B 19 3.52 -12.79 9.50
N VAL B 20 4.54 -12.69 10.34
CA VAL B 20 4.49 -11.88 11.51
C VAL B 20 5.81 -11.22 11.78
N ARG B 21 5.78 -10.09 12.45
CA ARG B 21 6.97 -9.45 12.97
C ARG B 21 7.40 -10.08 14.25
N VAL B 22 8.69 -10.09 14.52
CA VAL B 22 9.18 -10.67 15.75
C VAL B 22 8.67 -9.86 16.92
N GLY B 23 8.27 -10.53 17.98
CA GLY B 23 7.70 -9.85 19.10
C GLY B 23 6.23 -9.56 18.91
N GLY B 24 5.70 -9.99 17.79
CA GLY B 24 4.33 -9.77 17.41
C GLY B 24 3.40 -10.83 17.91
N VAL B 25 2.21 -10.85 17.36
CA VAL B 25 1.20 -11.81 17.69
C VAL B 25 0.87 -12.58 16.44
N ALA B 26 0.79 -13.89 16.55
CA ALA B 26 0.35 -14.69 15.44
C ALA B 26 -0.73 -15.64 15.86
N SER B 27 -1.66 -15.92 14.96
CA SER B 27 -2.70 -16.85 15.25
C SER B 27 -3.16 -17.71 14.07
N PHE B 28 -3.62 -18.92 14.39
CA PHE B 28 -4.02 -19.90 13.42
C PHE B 28 -5.43 -20.34 13.74
N TYR B 29 -6.27 -20.51 12.75
CA TYR B 29 -7.66 -20.88 12.96
C TYR B 29 -7.96 -22.25 12.40
N CYS B 30 -8.68 -23.08 13.14
CA CYS B 30 -9.10 -24.36 12.66
C CYS B 30 -10.54 -24.62 13.00
N ALA B 31 -11.29 -25.24 12.11
CA ALA B 31 -12.65 -25.60 12.41
C ALA B 31 -12.95 -26.92 11.80
N ALA B 32 -13.72 -27.72 12.50
CA ALA B 32 -14.04 -29.03 12.05
C ALA B 32 -15.45 -29.36 12.42
N ARG B 33 -16.01 -30.36 11.80
CA ARG B 33 -17.29 -30.88 12.22
C ARG B 33 -17.27 -32.36 12.11
N GLY B 34 -18.35 -32.97 12.54
CA GLY B 34 -18.50 -34.38 12.47
C GLY B 34 -19.57 -34.68 13.48
N ASP B 35 -19.91 -35.95 13.60
CA ASP B 35 -20.83 -36.41 14.62
C ASP B 35 -20.24 -37.63 15.30
N PRO B 36 -20.00 -37.57 16.59
CA PRO B 36 -20.20 -36.40 17.43
C PRO B 36 -19.15 -35.33 17.17
N PRO B 37 -19.34 -34.16 17.73
CA PRO B 37 -18.41 -33.07 17.46
C PRO B 37 -17.00 -33.30 17.97
N PRO B 38 -16.04 -33.06 17.10
CA PRO B 38 -14.64 -33.29 17.39
C PRO B 38 -14.09 -32.27 18.29
N SER B 39 -13.18 -32.70 19.12
CA SER B 39 -12.23 -31.87 19.76
C SER B 39 -11.08 -31.68 18.80
N ILE B 40 -10.38 -30.58 18.95
CA ILE B 40 -9.23 -30.23 18.14
C ILE B 40 -7.97 -30.10 18.98
N VAL B 41 -6.90 -30.72 18.54
CA VAL B 41 -5.61 -30.67 19.18
C VAL B 41 -4.61 -29.95 18.30
N TRP B 42 -3.74 -29.14 18.87
CA TRP B 42 -2.75 -28.45 18.09
C TRP B 42 -1.38 -29.05 18.31
N ARG B 43 -0.59 -29.14 17.26
CA ARG B 43 0.74 -29.63 17.38
C ARG B 43 1.69 -28.69 16.75
N LYS B 44 2.91 -28.71 17.25
CA LYS B 44 3.97 -27.94 16.68
C LYS B 44 5.12 -28.85 16.40
N ASN B 45 5.53 -28.93 15.15
CA ASN B 45 6.60 -29.82 14.72
C ASN B 45 6.30 -31.21 15.14
N GLY B 46 5.03 -31.56 15.14
CA GLY B 46 4.58 -32.86 15.54
C GLY B 46 4.36 -33.11 17.00
N LYS B 47 4.69 -32.15 17.84
CA LYS B 47 4.59 -32.30 19.29
C LYS B 47 3.41 -31.54 19.83
N LYS B 48 2.60 -32.18 20.65
CA LYS B 48 1.38 -31.56 21.09
C LYS B 48 1.74 -30.32 21.84
N VAL B 49 0.95 -29.29 21.64
CA VAL B 49 1.25 -27.99 22.18
C VAL B 49 0.67 -27.90 23.55
N SER B 50 1.52 -27.56 24.50
CA SER B 50 1.23 -27.69 25.92
C SER B 50 0.25 -26.69 26.51
N GLY B 51 -0.34 -27.08 27.62
CA GLY B 51 -0.90 -26.19 28.62
C GLY B 51 0.18 -25.36 29.29
N THR B 52 1.33 -25.98 29.51
CA THR B 52 2.46 -25.36 30.19
C THR B 52 3.19 -24.18 29.60
N GLN B 53 3.55 -24.20 28.31
CA GLN B 53 4.25 -23.04 27.70
C GLN B 53 3.38 -21.84 27.38
N SER B 54 3.75 -20.69 27.93
CA SER B 54 2.91 -19.51 28.06
C SER B 54 2.65 -18.62 26.89
N ARG B 55 3.41 -18.76 25.83
CA ARG B 55 3.24 -17.87 24.71
C ARG B 55 2.18 -18.37 23.77
N TYR B 56 1.69 -19.56 24.03
CA TYR B 56 0.68 -20.20 23.21
C TYR B 56 -0.58 -20.33 24.01
N THR B 57 -1.69 -19.87 23.48
CA THR B 57 -2.94 -20.12 24.14
C THR B 57 -3.91 -20.67 23.13
N VAL B 58 -4.74 -21.58 23.57
CA VAL B 58 -5.73 -22.17 22.73
C VAL B 58 -7.09 -21.79 23.25
N LEU B 59 -7.88 -21.22 22.37
CA LEU B 59 -9.21 -20.74 22.65
C LEU B 59 -10.22 -21.47 21.80
N GLU B 60 -11.40 -21.69 22.33
CA GLU B 60 -12.41 -22.44 21.63
C GLU B 60 -13.57 -21.55 21.38
N GLN B 61 -14.19 -21.69 20.25
CA GLN B 61 -15.32 -20.87 19.89
C GLN B 61 -16.39 -21.75 19.32
N PRO B 62 -17.56 -21.18 19.14
CA PRO B 62 -18.68 -21.91 18.57
C PRO B 62 -18.53 -22.10 17.08
N GLY B 63 -19.19 -23.08 16.51
CA GLY B 63 -18.95 -23.44 15.13
C GLY B 63 -17.85 -24.43 15.02
N GLY B 64 -17.48 -25.00 16.15
CA GLY B 64 -16.32 -25.85 16.24
C GLY B 64 -14.99 -25.20 15.90
N ILE B 65 -14.81 -23.97 16.33
CA ILE B 65 -13.59 -23.22 16.07
C ILE B 65 -12.55 -23.37 17.16
N SER B 66 -11.30 -23.46 16.77
CA SER B 66 -10.20 -23.47 17.69
C SER B 66 -9.11 -22.53 17.21
N ILE B 67 -8.58 -21.74 18.12
CA ILE B 67 -7.56 -20.79 17.80
C ILE B 67 -6.28 -21.05 18.58
N LEU B 68 -5.15 -21.02 17.90
CA LEU B 68 -3.86 -21.06 18.53
C LEU B 68 -3.23 -19.71 18.42
N ARG B 69 -2.99 -19.07 19.54
CA ARG B 69 -2.42 -17.75 19.58
C ARG B 69 -1.03 -17.74 20.18
N ILE B 70 -0.08 -17.14 19.49
CA ILE B 70 1.27 -17.04 19.98
C ILE B 70 1.62 -15.59 20.20
N GLU B 71 1.95 -15.23 21.42
CA GLU B 71 2.30 -13.87 21.76
C GLU B 71 3.27 -13.84 22.93
N PRO B 72 4.41 -13.19 22.84
CA PRO B 72 5.02 -12.62 21.65
C PRO B 72 5.70 -13.65 20.81
N VAL B 73 6.00 -13.34 19.57
CA VAL B 73 6.60 -14.31 18.70
C VAL B 73 8.12 -14.23 18.76
N ARG B 74 8.75 -15.39 18.91
CA ARG B 74 10.19 -15.53 19.04
C ARG B 74 10.81 -16.01 17.74
N ALA B 75 11.86 -15.37 17.30
CA ALA B 75 12.43 -15.57 15.98
C ALA B 75 12.91 -16.97 15.63
N GLY B 76 13.47 -17.69 16.58
CA GLY B 76 13.88 -19.03 16.25
C GLY B 76 12.91 -20.08 16.67
N ARG B 77 12.46 -19.98 17.92
CA ARG B 77 11.62 -21.01 18.53
C ARG B 77 10.27 -21.18 17.86
N ASP B 78 9.75 -20.14 17.23
CA ASP B 78 8.40 -20.19 16.72
C ASP B 78 8.32 -20.38 15.22
N ASP B 79 9.46 -20.58 14.59
CA ASP B 79 9.54 -20.88 13.18
C ASP B 79 9.38 -22.38 13.00
N ALA B 80 8.16 -22.80 12.70
CA ALA B 80 7.79 -24.19 12.76
C ALA B 80 6.46 -24.40 12.13
N PRO B 81 6.03 -25.66 12.09
CA PRO B 81 4.74 -26.01 11.51
C PRO B 81 3.71 -26.34 12.56
N TYR B 82 2.56 -25.73 12.43
CA TYR B 82 1.55 -25.87 13.41
C TYR B 82 0.43 -26.64 12.81
N GLU B 83 0.02 -27.70 13.46
CA GLU B 83 -0.94 -28.56 12.87
C GLU B 83 -2.13 -28.73 13.74
N CYS B 84 -3.32 -28.73 13.17
CA CYS B 84 -4.49 -28.94 13.95
C CYS B 84 -5.04 -30.29 13.69
N VAL B 85 -5.39 -31.03 14.73
CA VAL B 85 -5.87 -32.37 14.55
C VAL B 85 -7.27 -32.55 15.07
N ALA B 86 -8.15 -33.13 14.29
CA ALA B 86 -9.55 -33.32 14.71
C ALA B 86 -9.98 -34.78 14.95
N GLU B 87 -10.51 -35.08 16.12
CA GLU B 87 -10.90 -36.46 16.48
C GLU B 87 -12.34 -36.59 16.95
N ASN B 88 -12.81 -37.92 16.44
CA ASN B 88 -14.25 -37.87 16.65
C ASN B 88 -14.71 -39.00 17.55
N GLY B 89 -13.73 -40.05 17.42
CA GLY B 89 -13.93 -41.40 17.88
C GLY B 89 -14.74 -42.18 16.87
N VAL B 90 -14.84 -41.66 15.65
CA VAL B 90 -15.67 -42.27 14.66
C VAL B 90 -14.96 -42.38 13.35
N GLY B 91 -13.70 -42.07 13.28
CA GLY B 91 -13.01 -42.37 12.05
C GLY B 91 -11.52 -42.36 12.21
N ASP B 92 -10.87 -42.16 11.08
CA ASP B 92 -9.52 -41.72 11.04
C ASP B 92 -9.59 -40.22 11.41
N ALA B 93 -8.59 -39.75 12.13
CA ALA B 93 -8.46 -38.35 12.43
C ALA B 93 -8.10 -37.57 11.19
N VAL B 94 -8.44 -36.29 11.15
CA VAL B 94 -8.09 -35.42 10.04
C VAL B 94 -7.22 -34.29 10.51
N SER B 95 -6.23 -33.91 9.73
CA SER B 95 -5.35 -32.85 10.11
C SER B 95 -5.04 -31.86 9.02
N ALA B 96 -4.59 -30.68 9.40
CA ALA B 96 -4.13 -29.68 8.48
C ALA B 96 -3.10 -28.83 9.16
N ASP B 97 -2.14 -28.34 8.41
CA ASP B 97 -1.11 -27.51 8.98
C ASP B 97 -0.75 -26.25 8.22
N ALA B 98 -0.02 -25.38 8.88
CA ALA B 98 0.39 -24.12 8.31
C ALA B 98 1.69 -23.71 8.89
N THR B 99 2.37 -22.82 8.24
CA THR B 99 3.65 -22.35 8.67
C THR B 99 3.62 -20.92 9.16
N LEU B 100 4.62 -20.58 9.94
CA LEU B 100 4.76 -19.25 10.44
C LEU B 100 6.07 -18.74 9.96
N THR B 101 6.05 -17.63 9.25
CA THR B 101 7.28 -17.07 8.82
C THR B 101 7.43 -15.75 9.53
N ILE B 102 8.58 -15.55 10.13
CA ILE B 102 8.79 -14.46 11.02
C ILE B 102 9.82 -13.52 10.50
N TYR B 103 9.49 -12.24 10.46
CA TYR B 103 10.40 -11.23 9.95
C TYR B 103 10.99 -10.45 11.08
N GLU B 104 12.29 -10.64 11.32
CA GLU B 104 12.96 -9.94 12.40
C GLU B 104 13.30 -8.53 12.06
N GLY B 105 13.21 -7.69 13.08
CA GLY B 105 13.63 -6.34 12.97
C GLY B 105 12.93 -5.72 11.79
N ASP B 106 13.75 -5.05 11.01
CA ASP B 106 13.32 -4.17 9.95
C ASP B 106 13.21 -4.88 8.62
N LYS B 107 13.59 -6.15 8.60
CA LYS B 107 13.70 -6.88 7.35
C LYS B 107 12.36 -7.43 6.93
N THR B 108 11.40 -6.56 6.72
CA THR B 108 10.07 -7.01 6.43
C THR B 108 9.79 -6.74 4.96
N PRO B 109 9.02 -7.60 4.32
CA PRO B 109 8.70 -7.43 2.91
C PRO B 109 7.95 -6.17 2.70
N ALA B 110 8.19 -5.50 1.59
CA ALA B 110 7.47 -4.27 1.36
C ALA B 110 6.00 -4.57 1.22
N GLY B 111 5.17 -3.71 1.79
CA GLY B 111 3.75 -3.94 1.79
C GLY B 111 3.23 -4.76 2.91
N PHE B 112 4.11 -5.19 3.80
CA PHE B 112 3.65 -5.82 5.02
C PHE B 112 2.91 -4.74 5.74
N PRO B 113 1.73 -5.05 6.24
CA PRO B 113 0.85 -4.05 6.83
C PRO B 113 1.50 -3.42 8.03
N VAL B 114 1.30 -2.12 8.15
CA VAL B 114 1.80 -1.33 9.26
C VAL B 114 0.64 -0.62 9.91
N ILE B 115 0.59 -0.62 11.22
CA ILE B 115 -0.43 0.13 11.92
C ILE B 115 0.21 1.40 12.42
N THR B 116 -0.05 2.51 11.72
CA THR B 116 0.43 3.81 12.11
C THR B 116 -0.23 4.32 13.38
N GLN B 117 -1.45 4.24 13.62
CA GLN B 117 -2.19 4.56 14.82
C GLN B 117 -3.03 3.41 15.31
N GLY B 118 -2.93 3.00 16.44
CA GLY B 118 -3.68 1.99 17.14
C GLY B 118 -4.59 2.63 18.14
N PRO B 119 -5.47 1.88 18.74
CA PRO B 119 -6.42 2.43 19.68
C PRO B 119 -5.81 2.80 21.04
N GLY B 120 -6.51 3.62 21.79
CA GLY B 120 -6.08 4.01 23.10
C GLY B 120 -7.07 3.52 24.11
N THR B 121 -6.68 3.37 25.34
CA THR B 121 -7.64 3.02 26.37
C THR B 121 -8.58 4.18 26.70
N ARG B 122 -9.85 3.88 26.91
CA ARG B 122 -10.86 4.90 27.09
C ARG B 122 -11.86 4.46 28.11
N VAL B 123 -12.55 5.42 28.71
CA VAL B 123 -13.67 5.15 29.57
C VAL B 123 -14.87 5.83 28.96
N ILE B 124 -15.97 5.13 28.88
CA ILE B 124 -17.14 5.73 28.30
C ILE B 124 -18.30 5.47 29.21
N GLU B 125 -19.20 6.42 29.23
CA GLU B 125 -20.41 6.33 29.99
C GLU B 125 -21.38 5.40 29.32
N VAL B 126 -22.15 4.67 30.09
CA VAL B 126 -23.16 3.80 29.53
C VAL B 126 -24.11 4.66 28.72
N GLY B 127 -24.44 4.19 27.53
CA GLY B 127 -25.36 4.82 26.61
C GLY B 127 -24.73 5.70 25.56
N HIS B 128 -23.48 6.05 25.78
CA HIS B 128 -22.68 6.82 24.87
C HIS B 128 -22.03 5.99 23.80
N THR B 129 -21.58 6.62 22.74
CA THR B 129 -20.90 5.91 21.69
C THR B 129 -19.42 6.19 21.61
N VAL B 130 -18.66 5.14 21.38
CA VAL B 130 -17.21 5.19 21.30
C VAL B 130 -16.65 4.90 19.95
N LEU B 131 -15.59 5.60 19.62
CA LEU B 131 -14.85 5.35 18.43
C LEU B 131 -13.53 4.83 18.83
N MET B 132 -13.10 3.71 18.26
CA MET B 132 -11.75 3.24 18.49
C MET B 132 -10.96 3.31 17.22
N THR B 133 -9.81 3.90 17.28
CA THR B 133 -9.01 4.27 16.13
C THR B 133 -8.08 3.15 15.70
N CYS B 134 -8.02 2.92 14.39
CA CYS B 134 -7.09 1.98 13.79
C CYS B 134 -6.76 2.36 12.34
N LYS B 135 -5.55 2.86 12.12
CA LYS B 135 -5.11 3.26 10.79
C LYS B 135 -4.01 2.33 10.29
N ALA B 136 -4.17 1.82 9.08
CA ALA B 136 -3.21 0.88 8.52
C ALA B 136 -2.90 1.10 7.05
N ILE B 137 -1.67 0.77 6.67
CA ILE B 137 -1.23 0.78 5.28
C ILE B 137 -0.69 -0.57 4.88
N GLY B 138 -1.02 -1.01 3.68
CA GLY B 138 -0.39 -2.18 3.11
C GLY B 138 -0.57 -2.28 1.63
N ASN B 139 0.19 -3.14 1.00
CA ASN B 139 -0.01 -3.52 -0.38
C ASN B 139 0.01 -5.01 -0.47
N PRO B 140 -1.09 -5.68 -0.73
CA PRO B 140 -2.38 -5.13 -1.06
C PRO B 140 -3.04 -4.49 0.13
N THR B 141 -4.01 -3.62 -0.09
CA THR B 141 -4.52 -2.87 1.01
C THR B 141 -5.10 -3.87 1.99
N PRO B 142 -4.74 -3.69 3.25
CA PRO B 142 -5.11 -4.59 4.34
C PRO B 142 -6.58 -4.59 4.72
N ASN B 143 -7.11 -5.76 4.99
CA ASN B 143 -8.37 -5.91 5.65
C ASN B 143 -8.17 -5.66 7.12
N ILE B 144 -9.08 -4.92 7.71
CA ILE B 144 -8.99 -4.55 9.08
C ILE B 144 -10.15 -5.11 9.83
N TYR B 145 -9.85 -5.76 10.93
CA TYR B 145 -10.83 -6.33 11.83
C TYR B 145 -10.40 -6.18 13.27
N TRP B 146 -11.34 -6.34 14.16
CA TRP B 146 -11.15 -6.05 15.57
C TRP B 146 -11.32 -7.27 16.43
N ILE B 147 -10.51 -7.34 17.46
CA ILE B 147 -10.50 -8.47 18.36
C ILE B 147 -10.78 -8.02 19.79
N LYS B 148 -11.70 -8.66 20.48
CA LYS B 148 -11.86 -8.40 21.89
C LYS B 148 -11.62 -9.58 22.80
N ASN B 149 -10.71 -9.40 23.74
CA ASN B 149 -10.37 -10.45 24.65
C ASN B 149 -9.87 -11.65 23.88
N GLN B 150 -9.09 -11.36 22.87
CA GLN B 150 -8.45 -12.33 22.03
C GLN B 150 -9.37 -12.98 21.00
N THR B 151 -10.56 -12.48 20.86
CA THR B 151 -11.59 -13.06 20.04
C THR B 151 -12.17 -12.04 19.07
N LYS B 152 -12.57 -12.49 17.91
CA LYS B 152 -13.08 -11.58 16.91
C LYS B 152 -14.33 -10.90 17.40
N VAL B 153 -14.39 -9.60 17.20
CA VAL B 153 -15.58 -8.88 17.53
C VAL B 153 -16.67 -9.24 16.54
N ASP B 154 -17.85 -9.53 17.03
CA ASP B 154 -18.92 -9.94 16.15
C ASP B 154 -19.59 -8.73 15.53
N MET B 155 -19.40 -8.53 14.25
CA MET B 155 -19.84 -7.33 13.58
C MET B 155 -21.27 -7.42 13.07
N SER B 156 -21.95 -8.49 13.40
CA SER B 156 -23.38 -8.62 13.21
C SER B 156 -24.19 -8.05 14.38
N ASN B 157 -23.51 -7.61 15.42
CA ASN B 157 -24.14 -6.86 16.47
C ASN B 157 -24.60 -5.52 15.86
N PRO B 158 -25.83 -5.13 16.10
CA PRO B 158 -26.39 -3.96 15.47
C PRO B 158 -25.62 -2.73 15.85
N ARG B 159 -25.15 -2.73 17.08
CA ARG B 159 -24.44 -1.64 17.65
C ARG B 159 -22.99 -1.44 17.20
N TYR B 160 -22.38 -2.40 16.53
CA TYR B 160 -20.98 -2.28 16.11
C TYR B 160 -20.83 -2.05 14.64
N SER B 161 -19.93 -1.19 14.24
CA SER B 161 -19.68 -0.93 12.86
C SER B 161 -18.29 -0.34 12.65
N LEU B 162 -17.82 -0.37 11.43
CA LEU B 162 -16.52 0.16 11.10
C LEU B 162 -16.64 1.43 10.29
N LYS B 163 -15.83 2.41 10.61
CA LYS B 163 -15.71 3.56 9.78
C LYS B 163 -14.26 3.82 9.44
N ASP B 164 -13.88 3.56 8.22
CA ASP B 164 -12.54 3.86 7.78
C ASP B 164 -11.57 3.17 8.68
N GLY B 165 -11.91 1.95 9.07
CA GLY B 165 -11.05 1.14 9.90
C GLY B 165 -11.21 1.32 11.38
N PHE B 166 -11.99 2.32 11.78
CA PHE B 166 -12.28 2.58 13.15
C PHE B 166 -13.47 1.79 13.59
N LEU B 167 -13.49 1.41 14.84
CA LEU B 167 -14.58 0.64 15.34
C LEU B 167 -15.49 1.53 16.13
N GLN B 168 -16.76 1.48 15.84
CA GLN B 168 -17.70 2.32 16.49
C GLN B 168 -18.65 1.47 17.29
N ILE B 169 -18.89 1.89 18.50
CA ILE B 169 -19.85 1.23 19.34
C ILE B 169 -20.87 2.22 19.84
N GLU B 170 -22.13 2.00 19.50
CA GLU B 170 -23.20 2.89 19.82
C GLU B 170 -23.87 2.35 21.03
N ASN B 171 -24.53 3.18 21.81
CA ASN B 171 -25.34 2.70 22.89
C ASN B 171 -24.63 1.76 23.85
N SER B 172 -23.53 2.24 24.39
CA SER B 172 -22.55 1.45 25.06
C SER B 172 -23.20 0.77 26.21
N ARG B 173 -22.73 -0.43 26.49
CA ARG B 173 -23.30 -1.31 27.46
C ARG B 173 -22.11 -1.82 28.23
N GLU B 174 -22.35 -2.38 29.40
CA GLU B 174 -21.29 -2.94 30.24
C GLU B 174 -20.55 -4.08 29.58
N GLU B 175 -21.27 -4.89 28.85
CA GLU B 175 -20.74 -6.07 28.23
C GLU B 175 -19.72 -5.76 27.14
N ASP B 176 -19.65 -4.52 26.72
CA ASP B 176 -18.69 -4.07 25.73
C ASP B 176 -17.30 -3.88 26.30
N GLN B 177 -17.19 -3.91 27.60
CA GLN B 177 -15.93 -3.75 28.22
C GLN B 177 -14.99 -4.88 27.81
N GLY B 178 -13.75 -4.53 27.58
CA GLY B 178 -12.75 -5.51 27.31
C GLY B 178 -11.48 -4.91 26.81
N LYS B 179 -10.60 -5.77 26.36
CA LYS B 179 -9.31 -5.43 25.82
C LYS B 179 -9.31 -5.63 24.31
N TYR B 180 -9.16 -4.54 23.59
CA TYR B 180 -9.43 -4.47 22.17
C TYR B 180 -8.15 -4.34 21.40
N GLU B 181 -8.05 -4.99 20.25
CA GLU B 181 -6.93 -4.78 19.36
C GLU B 181 -7.41 -4.72 17.94
N CYS B 182 -6.74 -3.98 17.11
CA CYS B 182 -7.06 -3.98 15.71
C CYS B 182 -6.04 -4.78 14.92
N VAL B 183 -6.50 -5.47 13.92
CA VAL B 183 -5.66 -6.32 13.09
C VAL B 183 -5.70 -5.87 11.68
N ALA B 184 -4.54 -5.76 11.07
CA ALA B 184 -4.44 -5.47 9.66
C ALA B 184 -3.84 -6.66 8.93
N GLU B 185 -4.60 -7.20 8.00
CA GLU B 185 -4.32 -8.46 7.37
C GLU B 185 -4.21 -8.32 5.86
N ASN B 186 -3.16 -8.89 5.30
CA ASN B 186 -2.96 -9.05 3.86
C ASN B 186 -2.17 -10.33 3.47
N SER B 187 -1.88 -10.45 2.20
CA SER B 187 -1.19 -11.58 1.61
C SER B 187 0.19 -11.74 2.17
N MET B 188 0.84 -10.62 2.41
CA MET B 188 2.14 -10.51 3.02
C MET B 188 2.26 -10.90 4.47
N GLY B 189 1.27 -10.57 5.26
CA GLY B 189 1.32 -10.83 6.67
C GLY B 189 0.23 -10.17 7.46
N THR B 190 0.29 -10.33 8.77
CA THR B 190 -0.67 -9.78 9.68
C THR B 190 0.01 -8.98 10.79
N GLU B 191 -0.61 -7.90 11.18
CA GLU B 191 -0.13 -7.01 12.22
C GLU B 191 -1.23 -6.75 13.23
N HIS B 192 -0.91 -6.95 14.51
CA HIS B 192 -1.79 -6.70 15.63
C HIS B 192 -1.30 -5.44 16.34
N SER B 193 -2.23 -4.57 16.68
CA SER B 193 -1.98 -3.37 17.47
C SER B 193 -1.79 -3.72 18.92
N LYS B 194 -1.23 -2.82 19.70
CA LYS B 194 -1.20 -3.08 21.11
C LYS B 194 -2.60 -3.10 21.68
N ALA B 195 -2.84 -4.00 22.61
CA ALA B 195 -4.13 -4.15 23.25
C ALA B 195 -4.41 -2.98 24.17
N THR B 196 -5.65 -2.54 24.23
CA THR B 196 -6.02 -1.47 25.13
C THR B 196 -7.42 -1.64 25.65
N ASN B 197 -7.66 -1.24 26.88
CA ASN B 197 -8.94 -1.43 27.52
C ASN B 197 -10.02 -0.45 27.15
N LEU B 198 -11.24 -0.91 27.16
CA LEU B 198 -12.38 -0.04 27.07
C LEU B 198 -13.11 -0.24 28.35
N TYR B 199 -13.39 0.83 29.08
CA TYR B 199 -14.06 0.70 30.36
C TYR B 199 -15.38 1.40 30.25
N VAL B 200 -16.40 0.85 30.85
CA VAL B 200 -17.69 1.47 30.79
C VAL B 200 -18.17 1.88 32.17
N LYS B 201 -18.45 3.16 32.33
CA LYS B 201 -18.90 3.68 33.59
C LYS B 201 -20.39 3.93 33.61
N VAL B 202 -20.98 3.92 34.79
CA VAL B 202 -22.40 4.15 34.99
C VAL B 202 -22.86 5.57 34.85
N ARG B 203 -24.16 5.76 34.90
CA ARG B 203 -24.73 7.08 34.79
C ARG B 203 -24.75 7.70 36.18
N ALA C 6 -42.05 -3.24 30.48
CA ALA C 6 -42.31 -2.43 29.30
C ALA C 6 -41.39 -1.23 29.29
N HIS C 7 -40.65 -1.05 28.20
CA HIS C 7 -39.76 0.09 28.07
C HIS C 7 -39.92 0.75 26.75
N PRO C 8 -39.88 2.06 26.73
CA PRO C 8 -40.06 2.84 25.52
C PRO C 8 -38.91 2.65 24.55
N PRO C 9 -39.18 2.91 23.27
CA PRO C 9 -38.28 2.57 22.18
C PRO C 9 -37.01 3.35 22.14
N GLU C 10 -35.91 2.66 21.92
CA GLU C 10 -34.66 3.35 21.77
C GLU C 10 -33.88 2.98 20.51
N ILE C 11 -33.39 3.98 19.80
CA ILE C 11 -32.66 3.71 18.60
C ILE C 11 -31.21 3.40 18.93
N ILE C 12 -30.82 2.15 18.77
CA ILE C 12 -29.46 1.73 19.01
C ILE C 12 -28.52 1.70 17.81
N ARG C 13 -29.07 1.75 16.61
CA ARG C 13 -28.25 1.98 15.44
C ARG C 13 -28.89 3.03 14.59
N LYS C 14 -28.10 3.98 14.14
CA LYS C 14 -28.57 5.13 13.39
C LYS C 14 -28.22 5.02 11.93
N PRO C 15 -29.14 5.44 11.08
CA PRO C 15 -28.88 5.44 9.66
C PRO C 15 -27.74 6.35 9.33
N GLN C 16 -26.81 5.93 8.50
CA GLN C 16 -25.73 6.78 8.07
C GLN C 16 -25.96 7.32 6.67
N ASN C 17 -25.35 8.46 6.42
CA ASN C 17 -25.45 9.14 5.17
C ASN C 17 -24.73 8.34 4.12
N GLN C 18 -25.31 8.24 2.95
CA GLN C 18 -24.72 7.46 1.90
C GLN C 18 -24.44 8.28 0.67
N GLY C 19 -23.40 7.93 -0.04
CA GLY C 19 -23.16 8.47 -1.33
C GLY C 19 -23.22 7.35 -2.33
N VAL C 20 -23.98 7.56 -3.39
CA VAL C 20 -24.22 6.57 -4.39
C VAL C 20 -24.23 7.15 -5.81
N ARG C 21 -23.69 6.41 -6.77
CA ARG C 21 -23.81 6.73 -8.17
C ARG C 21 -25.20 6.48 -8.64
N VAL C 22 -25.68 7.26 -9.60
CA VAL C 22 -27.02 7.07 -10.09
C VAL C 22 -27.17 5.75 -10.80
N GLY C 23 -28.32 5.12 -10.65
CA GLY C 23 -28.55 3.83 -11.23
C GLY C 23 -27.96 2.75 -10.37
N GLY C 24 -27.46 3.16 -9.22
CA GLY C 24 -26.79 2.32 -8.25
C GLY C 24 -27.68 1.79 -7.15
N VAL C 25 -27.02 1.22 -6.15
CA VAL C 25 -27.67 0.65 -5.00
C VAL C 25 -27.30 1.41 -3.77
N ALA C 26 -28.27 1.70 -2.94
CA ALA C 26 -28.00 2.32 -1.68
C ALA C 26 -28.85 1.71 -0.60
N SER C 27 -28.32 1.70 0.61
CA SER C 27 -29.03 1.20 1.76
C SER C 27 -28.73 1.92 3.08
N PHE C 28 -29.68 1.82 3.99
CA PHE C 28 -29.61 2.42 5.30
C PHE C 28 -29.98 1.38 6.30
N TYR C 29 -29.25 1.31 7.38
CA TYR C 29 -29.53 0.37 8.44
C TYR C 29 -30.11 1.10 9.63
N CYS C 30 -31.15 0.55 10.24
CA CYS C 30 -31.68 1.08 11.46
C CYS C 30 -31.85 -0.03 12.47
N ALA C 31 -31.64 0.24 13.74
CA ALA C 31 -31.92 -0.75 14.74
C ALA C 31 -32.50 -0.09 15.96
N ALA C 32 -33.37 -0.79 16.66
CA ALA C 32 -34.06 -0.22 17.78
C ALA C 32 -34.22 -1.21 18.91
N ARG C 33 -34.39 -0.68 20.11
CA ARG C 33 -34.61 -1.51 21.26
C ARG C 33 -35.85 -1.08 21.95
N GLY C 34 -36.71 -2.02 22.27
CA GLY C 34 -37.78 -1.77 23.19
C GLY C 34 -38.31 -3.07 23.68
N ASP C 35 -38.98 -3.07 24.81
CA ASP C 35 -39.81 -4.21 25.17
C ASP C 35 -41.18 -3.67 25.46
N PRO C 36 -42.17 -4.08 24.71
CA PRO C 36 -42.08 -5.13 23.71
C PRO C 36 -41.23 -4.68 22.54
N PRO C 37 -40.73 -5.61 21.75
CA PRO C 37 -39.78 -5.29 20.68
C PRO C 37 -40.38 -4.42 19.59
N PRO C 38 -39.74 -3.30 19.30
CA PRO C 38 -40.30 -2.25 18.45
C PRO C 38 -40.45 -2.54 16.97
N SER C 39 -41.47 -1.95 16.38
CA SER C 39 -41.62 -1.88 14.96
C SER C 39 -40.80 -0.75 14.36
N ILE C 40 -40.31 -0.90 13.14
CA ILE C 40 -39.61 0.19 12.48
C ILE C 40 -40.21 0.54 11.10
N VAL C 41 -40.51 1.82 10.90
CA VAL C 41 -41.10 2.26 9.66
C VAL C 41 -40.16 3.25 9.06
N TRP C 42 -40.08 3.29 7.73
CA TRP C 42 -39.19 4.21 7.09
C TRP C 42 -39.95 5.29 6.39
N ARG C 43 -39.38 6.47 6.34
CA ARG C 43 -40.00 7.56 5.64
C ARG C 43 -39.05 8.32 4.78
N LYS C 44 -39.58 8.84 3.69
CA LYS C 44 -38.87 9.73 2.78
C LYS C 44 -39.54 11.10 2.76
N ASN C 45 -38.80 12.13 3.12
CA ASN C 45 -39.29 13.50 3.16
C ASN C 45 -40.56 13.57 3.94
N GLY C 46 -40.66 12.78 4.97
CA GLY C 46 -41.84 12.76 5.79
C GLY C 46 -42.95 11.84 5.37
N LYS C 47 -42.81 11.20 4.24
CA LYS C 47 -43.87 10.35 3.78
C LYS C 47 -43.48 8.90 3.84
N LYS C 48 -44.40 8.08 4.33
CA LYS C 48 -44.18 6.67 4.49
C LYS C 48 -43.65 6.10 3.21
N VAL C 49 -42.83 5.08 3.30
CA VAL C 49 -42.27 4.44 2.14
C VAL C 49 -43.06 3.20 1.79
N SER C 54 -41.06 0.51 -4.88
CA SER C 54 -40.80 -0.72 -5.61
C SER C 54 -39.34 -0.84 -6.04
N ARG C 55 -38.63 0.27 -5.98
CA ARG C 55 -37.19 0.26 -6.04
C ARG C 55 -36.71 0.31 -4.61
N TYR C 56 -37.66 0.27 -3.70
CA TYR C 56 -37.37 0.30 -2.29
C TYR C 56 -37.73 -1.02 -1.68
N THR C 57 -36.81 -1.65 -1.01
CA THR C 57 -37.19 -2.83 -0.30
C THR C 57 -36.77 -2.76 1.16
N VAL C 58 -37.68 -3.19 2.00
CA VAL C 58 -37.48 -3.15 3.41
C VAL C 58 -37.20 -4.56 3.85
N LEU C 59 -36.05 -4.73 4.48
CA LEU C 59 -35.51 -6.00 4.84
C LEU C 59 -35.41 -6.05 6.34
N GLU C 60 -35.83 -7.13 6.98
CA GLU C 60 -35.68 -7.20 8.43
C GLU C 60 -34.85 -8.35 9.01
N GLN C 61 -33.57 -8.09 9.25
CA GLN C 61 -32.64 -9.04 9.81
C GLN C 61 -32.84 -9.29 11.29
N PRO C 62 -32.14 -10.29 11.80
CA PRO C 62 -32.22 -10.66 13.19
C PRO C 62 -31.45 -9.68 14.04
N GLY C 63 -31.79 -9.58 15.32
CA GLY C 63 -31.19 -8.61 16.22
C GLY C 63 -31.97 -7.32 16.31
N GLY C 64 -33.08 -7.27 15.60
CA GLY C 64 -33.88 -6.06 15.48
C GLY C 64 -33.47 -5.06 14.40
N ILE C 65 -32.58 -5.47 13.53
CA ILE C 65 -32.13 -4.64 12.43
C ILE C 65 -33.19 -4.47 11.38
N SER C 66 -33.28 -3.29 10.80
CA SER C 66 -34.13 -2.98 9.67
C SER C 66 -33.37 -2.32 8.54
N ILE C 67 -33.45 -2.87 7.35
CA ILE C 67 -32.71 -2.32 6.24
C ILE C 67 -33.60 -1.81 5.12
N LEU C 68 -33.28 -0.64 4.62
CA LEU C 68 -33.93 -0.13 3.44
C LEU C 68 -32.95 -0.03 2.32
N ARG C 69 -33.32 -0.67 1.21
CA ARG C 69 -32.48 -0.78 0.03
C ARG C 69 -33.13 -0.06 -1.12
N ILE C 70 -32.37 0.76 -1.82
CA ILE C 70 -32.89 1.44 -2.97
C ILE C 70 -32.09 1.04 -4.16
N GLU C 71 -32.76 0.46 -5.13
CA GLU C 71 -32.10 0.02 -6.34
C GLU C 71 -33.06 0.06 -7.49
N PRO C 72 -32.69 0.64 -8.61
CA PRO C 72 -31.53 1.48 -8.77
C PRO C 72 -31.82 2.91 -8.35
N VAL C 73 -30.77 3.63 -8.04
CA VAL C 73 -30.94 4.98 -7.55
C VAL C 73 -31.23 5.96 -8.67
N ARG C 74 -32.25 6.78 -8.48
CA ARG C 74 -32.64 7.76 -9.47
C ARG C 74 -32.18 9.16 -9.07
N ALA C 75 -31.57 9.89 -9.97
CA ALA C 75 -30.90 11.15 -9.67
C ALA C 75 -31.79 12.21 -9.06
N GLY C 76 -33.05 12.26 -9.41
CA GLY C 76 -33.88 13.24 -8.76
C GLY C 76 -34.79 12.72 -7.70
N ARG C 77 -35.53 11.68 -8.00
CA ARG C 77 -36.55 11.24 -7.09
C ARG C 77 -35.91 10.84 -5.76
N ASP C 78 -34.66 10.42 -5.80
CA ASP C 78 -34.05 9.80 -4.65
C ASP C 78 -33.20 10.69 -3.78
N ASP C 79 -33.04 11.94 -4.15
CA ASP C 79 -32.27 12.85 -3.32
C ASP C 79 -33.16 13.42 -2.23
N ALA C 80 -33.18 12.74 -1.11
CA ALA C 80 -34.10 12.92 -0.02
C ALA C 80 -33.50 12.42 1.27
N PRO C 81 -34.19 12.62 2.36
CA PRO C 81 -33.72 12.21 3.65
C PRO C 81 -34.51 11.01 4.04
N TYR C 82 -33.87 10.01 4.60
CA TYR C 82 -34.58 8.79 4.88
C TYR C 82 -34.65 8.54 6.36
N GLU C 83 -35.82 8.28 6.86
CA GLU C 83 -36.02 8.25 8.28
C GLU C 83 -36.63 6.98 8.77
N CYS C 84 -36.05 6.42 9.81
CA CYS C 84 -36.57 5.23 10.46
C CYS C 84 -37.25 5.55 11.73
N VAL C 85 -38.42 5.00 11.95
CA VAL C 85 -39.19 5.40 13.09
C VAL C 85 -39.50 4.21 13.94
N ALA C 86 -39.38 4.35 15.23
CA ALA C 86 -39.61 3.24 16.14
C ALA C 86 -40.73 3.51 17.11
N GLU C 87 -41.79 2.73 17.04
CA GLU C 87 -42.98 3.00 17.83
C GLU C 87 -43.29 1.90 18.81
N ALA C 93 -42.40 7.38 20.51
CA ALA C 93 -41.82 7.08 19.21
C ALA C 93 -40.57 7.85 18.98
N VAL C 94 -39.55 7.21 18.41
CA VAL C 94 -38.26 7.84 18.18
C VAL C 94 -37.84 7.67 16.74
N SER C 95 -37.06 8.62 16.24
CA SER C 95 -36.59 8.54 14.88
C SER C 95 -35.17 9.02 14.68
N ALA C 96 -34.54 8.55 13.62
CA ALA C 96 -33.31 9.11 13.19
C ALA C 96 -33.26 9.06 11.68
N ASP C 97 -32.62 10.06 11.08
CA ASP C 97 -32.63 10.17 9.62
C ASP C 97 -31.26 10.40 9.02
N ALA C 98 -31.09 9.93 7.78
CA ALA C 98 -29.86 10.15 7.03
C ALA C 98 -30.22 10.67 5.64
N THR C 99 -29.23 11.15 4.91
CA THR C 99 -29.47 11.69 3.60
C THR C 99 -28.63 10.99 2.55
N LEU C 100 -29.11 11.00 1.31
CA LEU C 100 -28.41 10.37 0.21
C LEU C 100 -27.93 11.38 -0.82
N THR C 101 -26.68 11.25 -1.24
CA THR C 101 -26.10 12.15 -2.23
C THR C 101 -25.78 11.43 -3.53
N ILE C 102 -26.74 11.43 -4.44
CA ILE C 102 -26.57 10.77 -5.74
C ILE C 102 -25.58 11.53 -6.62
N TYR C 103 -24.65 10.79 -7.21
CA TYR C 103 -23.65 11.40 -8.08
C TYR C 103 -23.99 11.19 -9.55
N GLU C 104 -24.29 12.28 -10.24
CA GLU C 104 -24.64 12.21 -11.66
C GLU C 104 -23.40 12.01 -12.52
N LYS C 107 -18.47 13.34 -13.13
CA LYS C 107 -19.05 14.24 -12.15
C LYS C 107 -19.31 13.56 -10.81
N THR C 108 -18.31 12.84 -10.33
CA THR C 108 -18.37 12.25 -9.01
C THR C 108 -17.03 12.46 -8.36
N PRO C 109 -16.96 12.41 -7.05
CA PRO C 109 -15.74 12.83 -6.40
C PRO C 109 -14.62 11.96 -6.88
N ALA C 110 -13.39 12.44 -6.79
CA ALA C 110 -12.24 11.82 -7.43
C ALA C 110 -11.88 10.41 -6.96
N GLY C 111 -12.04 10.18 -5.67
CA GLY C 111 -11.66 8.94 -5.04
C GLY C 111 -12.84 8.02 -4.88
N PHE C 112 -13.93 8.28 -5.58
CA PHE C 112 -15.14 7.51 -5.35
C PHE C 112 -14.81 6.13 -5.75
N PRO C 113 -15.28 5.18 -4.97
CA PRO C 113 -14.86 3.81 -5.11
C PRO C 113 -15.31 3.22 -6.43
N VAL C 114 -14.38 2.60 -7.14
CA VAL C 114 -14.66 1.95 -8.40
C VAL C 114 -14.49 0.45 -8.27
N ILE C 115 -15.44 -0.33 -8.79
CA ILE C 115 -15.24 -1.78 -8.82
C ILE C 115 -14.69 -2.19 -10.16
N THR C 116 -13.40 -2.43 -10.19
CA THR C 116 -12.67 -2.87 -11.35
C THR C 116 -13.00 -4.27 -11.87
N GLN C 117 -13.05 -5.24 -10.97
CA GLN C 117 -13.52 -6.58 -11.26
C GLN C 117 -14.56 -7.06 -10.28
N GLY C 118 -15.76 -7.31 -10.76
CA GLY C 118 -16.81 -7.92 -10.00
C GLY C 118 -16.76 -9.42 -9.96
N PRO C 119 -17.67 -10.03 -9.22
CA PRO C 119 -17.75 -11.49 -9.18
C PRO C 119 -18.55 -12.08 -10.34
N GLY C 120 -18.01 -13.15 -10.92
CA GLY C 120 -18.67 -13.92 -11.94
C GLY C 120 -19.61 -14.92 -11.35
N THR C 121 -20.61 -15.35 -12.10
CA THR C 121 -21.44 -16.43 -11.66
C THR C 121 -20.66 -17.76 -11.70
N ARG C 122 -20.91 -18.66 -10.86
CA ARG C 122 -20.11 -19.85 -10.68
C ARG C 122 -20.88 -20.99 -10.10
N VAL C 123 -20.66 -22.17 -10.61
CA VAL C 123 -21.26 -23.35 -10.02
C VAL C 123 -20.21 -24.28 -9.45
N ILE C 124 -20.45 -24.78 -8.28
CA ILE C 124 -19.44 -25.49 -7.57
C ILE C 124 -20.06 -26.75 -7.03
N GLU C 125 -19.26 -27.78 -6.89
CA GLU C 125 -19.73 -29.01 -6.29
C GLU C 125 -19.72 -28.92 -4.80
N VAL C 126 -20.64 -29.60 -4.16
CA VAL C 126 -20.71 -29.61 -2.72
C VAL C 126 -19.40 -30.14 -2.18
N GLY C 127 -18.87 -29.48 -1.18
CA GLY C 127 -17.62 -29.84 -0.56
C GLY C 127 -16.39 -29.18 -1.10
N HIS C 128 -16.58 -28.36 -2.10
CA HIS C 128 -15.49 -27.68 -2.74
C HIS C 128 -15.40 -26.24 -2.32
N THR C 129 -14.24 -25.65 -2.50
CA THR C 129 -14.07 -24.29 -2.09
C THR C 129 -14.10 -23.34 -3.26
N VAL C 130 -14.75 -22.20 -3.05
CA VAL C 130 -14.92 -21.16 -4.07
C VAL C 130 -14.24 -19.89 -3.72
N LEU C 131 -13.73 -19.19 -4.71
CA LEU C 131 -13.25 -17.84 -4.56
C LEU C 131 -14.02 -16.90 -5.45
N MET C 132 -14.70 -15.90 -4.91
CA MET C 132 -15.30 -14.89 -5.75
C MET C 132 -14.49 -13.65 -5.64
N THR C 133 -14.35 -12.95 -6.72
CA THR C 133 -13.48 -11.81 -6.82
C THR C 133 -14.25 -10.49 -6.72
N CYS C 134 -13.58 -9.48 -6.16
CA CYS C 134 -14.05 -8.09 -6.16
C CYS C 134 -12.87 -7.13 -5.93
N LYS C 135 -12.35 -6.56 -7.01
CA LYS C 135 -11.19 -5.67 -6.96
C LYS C 135 -11.68 -4.22 -6.92
N ALA C 136 -11.20 -3.45 -5.96
CA ALA C 136 -11.60 -2.06 -5.81
C ALA C 136 -10.46 -1.07 -5.56
N ILE C 137 -10.56 0.10 -6.19
CA ILE C 137 -9.60 1.17 -5.98
C ILE C 137 -10.26 2.45 -5.49
N GLY C 138 -9.85 2.99 -4.36
CA GLY C 138 -10.21 4.35 -4.00
C GLY C 138 -9.09 5.22 -3.47
N ASN C 139 -9.42 6.46 -3.14
CA ASN C 139 -8.76 7.27 -2.13
C ASN C 139 -9.93 8.01 -1.57
N PRO C 140 -10.20 7.68 -0.35
CA PRO C 140 -9.32 6.76 0.32
C PRO C 140 -9.42 5.45 -0.43
N THR C 141 -8.50 4.50 -0.18
CA THR C 141 -8.67 3.13 -0.62
C THR C 141 -9.86 2.58 0.12
N PRO C 142 -10.69 1.86 -0.62
CA PRO C 142 -11.97 1.35 -0.14
C PRO C 142 -11.88 0.11 0.69
N ASN C 143 -12.87 -0.10 1.52
CA ASN C 143 -12.95 -1.27 2.32
C ASN C 143 -14.03 -2.20 1.77
N ILE C 144 -13.67 -3.45 1.56
CA ILE C 144 -14.57 -4.42 0.94
C ILE C 144 -15.29 -5.40 1.84
N TYR C 145 -16.56 -5.59 1.55
CA TYR C 145 -17.41 -6.56 2.20
C TYR C 145 -18.40 -7.17 1.24
N TRP C 146 -19.08 -8.21 1.66
CA TRP C 146 -19.88 -9.04 0.78
C TRP C 146 -21.30 -9.19 1.22
N ILE C 147 -22.17 -9.26 0.24
CA ILE C 147 -23.59 -9.36 0.47
C ILE C 147 -24.17 -10.54 -0.23
N LYS C 148 -25.02 -11.29 0.45
CA LYS C 148 -25.71 -12.37 -0.17
C LYS C 148 -27.21 -12.24 -0.07
N ASN C 149 -27.88 -12.25 -1.20
CA ASN C 149 -29.32 -12.11 -1.18
C ASN C 149 -29.69 -10.85 -0.43
N GLN C 150 -28.94 -9.79 -0.64
CA GLN C 150 -29.24 -8.51 -0.09
C GLN C 150 -28.87 -8.33 1.36
N THR C 151 -28.26 -9.34 1.97
CA THR C 151 -27.96 -9.37 3.39
C THR C 151 -26.49 -9.54 3.54
N LYS C 152 -25.86 -8.87 4.49
CA LYS C 152 -24.45 -9.02 4.62
C LYS C 152 -24.06 -10.46 4.94
N VAL C 153 -22.98 -10.90 4.37
CA VAL C 153 -22.45 -12.21 4.66
C VAL C 153 -21.83 -12.20 6.06
N ASP C 154 -22.05 -13.24 6.84
CA ASP C 154 -21.54 -13.29 8.21
C ASP C 154 -20.13 -13.80 8.25
N MET C 155 -19.19 -12.92 8.49
CA MET C 155 -17.81 -13.30 8.43
C MET C 155 -17.46 -14.05 9.70
N SER C 156 -18.45 -14.18 10.55
CA SER C 156 -18.43 -14.97 11.75
C SER C 156 -18.25 -16.43 11.43
N ASN C 157 -18.88 -16.87 10.36
CA ASN C 157 -18.91 -18.24 9.94
C ASN C 157 -17.50 -18.72 9.58
N PRO C 158 -17.11 -19.88 10.08
CA PRO C 158 -15.74 -20.38 10.00
C PRO C 158 -15.29 -20.59 8.59
N ARG C 159 -16.23 -21.01 7.76
CA ARG C 159 -16.02 -21.35 6.37
C ARG C 159 -15.73 -20.19 5.44
N TYR C 160 -16.08 -18.98 5.85
CA TYR C 160 -15.91 -17.80 5.02
C TYR C 160 -14.73 -17.01 5.46
N SER C 161 -13.93 -16.55 4.55
CA SER C 161 -12.88 -15.65 4.92
C SER C 161 -12.55 -14.75 3.75
N LEU C 162 -11.85 -13.68 4.00
CA LEU C 162 -11.57 -12.75 2.95
C LEU C 162 -10.14 -12.93 2.59
N LYS C 163 -9.81 -12.84 1.32
CA LYS C 163 -8.44 -12.95 0.86
C LYS C 163 -8.08 -11.82 -0.07
N ASP C 164 -7.57 -10.72 0.47
CA ASP C 164 -7.29 -9.53 -0.31
C ASP C 164 -8.54 -9.12 -1.04
N GLY C 165 -9.68 -9.23 -0.38
CA GLY C 165 -10.93 -8.78 -0.92
C GLY C 165 -11.82 -9.79 -1.60
N PHE C 166 -11.25 -10.89 -2.01
CA PHE C 166 -12.00 -12.01 -2.52
C PHE C 166 -12.72 -12.69 -1.40
N LEU C 167 -13.90 -13.21 -1.64
CA LEU C 167 -14.60 -13.95 -0.63
C LEU C 167 -14.34 -15.43 -0.85
N GLN C 168 -13.85 -16.12 0.15
CA GLN C 168 -13.58 -17.52 0.03
C GLN C 168 -14.60 -18.32 0.78
N ILE C 169 -15.21 -19.28 0.14
CA ILE C 169 -16.09 -20.19 0.83
C ILE C 169 -15.50 -21.59 0.74
N GLU C 170 -15.39 -22.26 1.87
CA GLU C 170 -14.69 -23.53 1.97
C GLU C 170 -15.72 -24.53 2.28
N ASN C 171 -15.51 -25.78 1.92
CA ASN C 171 -16.48 -26.79 2.23
C ASN C 171 -17.90 -26.44 1.85
N SER C 172 -18.14 -26.19 0.58
CA SER C 172 -19.39 -25.59 0.15
C SER C 172 -20.57 -26.43 0.49
N ARG C 173 -21.64 -25.79 0.87
CA ARG C 173 -22.82 -26.46 1.26
C ARG C 173 -23.91 -25.88 0.43
N GLU C 174 -25.04 -26.52 0.44
CA GLU C 174 -26.18 -26.08 -0.32
C GLU C 174 -26.60 -24.71 0.10
N GLU C 175 -26.49 -24.46 1.38
CA GLU C 175 -26.97 -23.24 1.98
C GLU C 175 -26.24 -22.02 1.46
N ASP C 176 -25.07 -22.20 0.89
CA ASP C 176 -24.30 -21.11 0.35
C ASP C 176 -24.86 -20.52 -0.91
N GLN C 177 -25.81 -21.19 -1.53
CA GLN C 177 -26.36 -20.73 -2.79
C GLN C 177 -27.01 -19.38 -2.61
N GLY C 178 -26.71 -18.44 -3.48
CA GLY C 178 -27.37 -17.18 -3.47
C GLY C 178 -26.83 -16.19 -4.47
N LYS C 179 -27.39 -14.99 -4.52
CA LYS C 179 -26.89 -13.91 -5.34
C LYS C 179 -25.96 -13.07 -4.53
N TYR C 180 -24.68 -13.07 -4.88
CA TYR C 180 -23.65 -12.42 -4.12
C TYR C 180 -23.25 -11.12 -4.78
N GLU C 181 -22.98 -10.08 -4.00
CA GLU C 181 -22.38 -8.86 -4.52
C GLU C 181 -21.24 -8.43 -3.63
N CYS C 182 -20.25 -7.76 -4.23
CA CYS C 182 -19.15 -7.18 -3.46
C CYS C 182 -19.32 -5.66 -3.33
N VAL C 183 -19.27 -5.16 -2.11
CA VAL C 183 -19.44 -3.73 -1.86
C VAL C 183 -18.11 -3.08 -1.51
N ALA C 184 -17.79 -1.99 -2.18
CA ALA C 184 -16.62 -1.23 -1.79
C ALA C 184 -16.96 0.17 -1.27
N GLU C 185 -16.49 0.46 -0.07
CA GLU C 185 -16.87 1.60 0.73
C GLU C 185 -15.76 2.59 0.91
N ASN C 186 -16.14 3.85 1.04
CA ASN C 186 -15.24 4.98 1.14
C ASN C 186 -15.90 6.13 1.83
N SER C 187 -15.14 7.19 2.01
CA SER C 187 -15.69 8.36 2.65
C SER C 187 -16.78 8.97 1.83
N MET C 188 -16.53 9.05 0.55
CA MET C 188 -17.50 9.53 -0.41
C MET C 188 -18.71 8.68 -0.67
N GLY C 189 -18.52 7.39 -0.79
CA GLY C 189 -19.59 6.58 -1.30
C GLY C 189 -19.47 5.11 -1.16
N THR C 190 -20.51 4.43 -1.57
CA THR C 190 -20.58 2.99 -1.54
C THR C 190 -20.87 2.55 -2.95
N GLU C 191 -20.12 1.58 -3.46
CA GLU C 191 -20.36 1.02 -4.77
C GLU C 191 -20.63 -0.46 -4.65
N HIS C 192 -21.75 -0.90 -5.20
CA HIS C 192 -22.11 -2.28 -5.24
C HIS C 192 -21.75 -2.80 -6.61
N SER C 193 -21.23 -4.01 -6.66
CA SER C 193 -20.97 -4.70 -7.90
C SER C 193 -22.24 -5.30 -8.42
N LYS C 194 -22.21 -5.85 -9.60
CA LYS C 194 -23.35 -6.56 -10.13
C LYS C 194 -23.59 -7.83 -9.35
N ALA C 195 -24.84 -8.14 -9.08
CA ALA C 195 -25.17 -9.35 -8.36
C ALA C 195 -25.06 -10.62 -9.23
N THR C 196 -24.32 -11.61 -8.76
CA THR C 196 -24.10 -12.82 -9.52
C THR C 196 -24.36 -14.07 -8.71
N ASN C 197 -24.95 -15.08 -9.31
CA ASN C 197 -25.32 -16.31 -8.62
C ASN C 197 -24.15 -17.22 -8.26
N LEU C 198 -24.30 -17.99 -7.21
CA LEU C 198 -23.41 -19.09 -6.90
C LEU C 198 -24.33 -20.26 -6.88
N TYR C 199 -23.99 -21.34 -7.56
CA TYR C 199 -24.85 -22.51 -7.58
C TYR C 199 -24.06 -23.65 -7.06
N VAL C 200 -24.67 -24.49 -6.27
CA VAL C 200 -23.96 -25.66 -5.81
C VAL C 200 -24.52 -26.95 -6.35
N LYS C 201 -23.70 -27.64 -7.10
CA LYS C 201 -24.12 -28.91 -7.60
C LYS C 201 -23.83 -30.04 -6.64
N VAL C 202 -24.74 -30.98 -6.63
CA VAL C 202 -24.64 -32.23 -5.90
C VAL C 202 -23.43 -33.12 -6.14
N ARG C 203 -23.30 -34.13 -5.32
CA ARG C 203 -22.28 -35.12 -5.49
C ARG C 203 -21.96 -35.35 -6.96
N ALA D 6 -9.55 15.93 13.23
CA ALA D 6 -9.79 16.62 11.99
C ALA D 6 -9.01 17.91 11.93
N HIS D 7 -8.17 18.00 10.91
CA HIS D 7 -7.37 19.17 10.64
C HIS D 7 -7.42 19.50 9.12
N PRO D 8 -7.35 20.77 8.81
CA PRO D 8 -7.56 21.28 7.46
C PRO D 8 -6.41 21.02 6.52
N PRO D 9 -6.68 21.14 5.23
CA PRO D 9 -5.73 20.80 4.17
C PRO D 9 -4.48 21.64 4.15
N GLU D 10 -3.37 21.01 3.81
CA GLU D 10 -2.11 21.72 3.69
C GLU D 10 -1.36 21.24 2.45
N ILE D 11 -0.72 22.12 1.72
CA ILE D 11 -0.09 21.65 0.51
C ILE D 11 1.36 21.25 0.77
N ILE D 12 1.66 19.99 0.53
CA ILE D 12 2.97 19.49 0.85
C ILE D 12 3.93 19.45 -0.32
N ARG D 13 3.42 19.47 -1.53
CA ARG D 13 4.21 19.71 -2.71
C ARG D 13 3.58 20.74 -3.59
N LYS D 14 4.30 21.80 -3.88
CA LYS D 14 3.79 22.88 -4.72
C LYS D 14 4.14 22.70 -6.18
N PRO D 15 3.24 23.08 -7.07
CA PRO D 15 3.54 23.05 -8.49
C PRO D 15 4.65 24.01 -8.83
N GLN D 16 5.54 23.60 -9.71
CA GLN D 16 6.66 24.42 -10.11
C GLN D 16 6.53 24.90 -11.55
N ASN D 17 7.02 26.11 -11.79
CA ASN D 17 6.98 26.72 -13.09
C ASN D 17 7.74 25.89 -14.09
N GLN D 18 7.23 25.80 -15.28
CA GLN D 18 7.80 24.94 -16.27
C GLN D 18 8.22 25.71 -17.49
N GLY D 19 9.15 25.18 -18.23
CA GLY D 19 9.52 25.72 -19.51
C GLY D 19 9.38 24.66 -20.58
N VAL D 20 8.68 24.98 -21.67
CA VAL D 20 8.35 24.03 -22.71
C VAL D 20 8.40 24.60 -24.12
N ARG D 21 8.82 23.82 -25.11
CA ARG D 21 8.67 24.18 -26.52
C ARG D 21 7.25 23.97 -26.96
N VAL D 22 6.81 24.72 -27.96
CA VAL D 22 5.47 24.62 -28.47
C VAL D 22 5.23 23.24 -29.03
N GLY D 23 4.08 22.66 -28.75
CA GLY D 23 3.82 21.31 -29.21
C GLY D 23 4.54 20.29 -28.36
N GLY D 24 5.03 20.75 -27.22
CA GLY D 24 5.71 19.92 -26.28
C GLY D 24 4.81 19.28 -25.26
N VAL D 25 5.41 18.72 -24.23
CA VAL D 25 4.70 18.13 -23.11
C VAL D 25 5.05 18.95 -21.93
N ALA D 26 4.06 19.28 -21.12
CA ALA D 26 4.33 19.91 -19.87
C ALA D 26 3.51 19.29 -18.75
N SER D 27 4.10 19.20 -17.57
CA SER D 27 3.43 18.69 -16.37
C SER D 27 3.71 19.48 -15.11
N PHE D 28 2.81 19.38 -14.16
CA PHE D 28 2.92 20.03 -12.89
C PHE D 28 2.56 19.04 -11.78
N TYR D 29 3.15 19.19 -10.61
CA TYR D 29 2.89 18.27 -9.50
C TYR D 29 2.30 18.96 -8.31
N CYS D 30 1.29 18.38 -7.70
CA CYS D 30 0.74 18.93 -6.48
C CYS D 30 0.49 17.81 -5.47
N ALA D 31 0.66 18.07 -4.20
CA ALA D 31 0.31 17.11 -3.20
C ALA D 31 -0.25 17.82 -2.01
N ALA D 32 -1.19 17.21 -1.33
CA ALA D 32 -1.79 17.86 -0.20
C ALA D 32 -2.01 16.90 0.92
N ARG D 33 -2.09 17.39 2.16
CA ARG D 33 -2.46 16.55 3.29
C ARG D 33 -3.52 17.22 4.15
N GLY D 34 -4.37 16.43 4.81
CA GLY D 34 -5.31 16.94 5.80
C GLY D 34 -6.10 15.82 6.48
N ASP D 35 -6.92 16.16 7.48
CA ASP D 35 -7.89 15.25 8.12
C ASP D 35 -9.31 15.65 7.86
N PRO D 36 -10.06 14.98 7.00
CA PRO D 36 -9.66 13.86 6.19
C PRO D 36 -8.88 14.24 4.96
N PRO D 37 -8.39 13.24 4.26
CA PRO D 37 -7.54 13.46 3.12
C PRO D 37 -8.21 14.24 2.03
N PRO D 38 -7.53 15.29 1.60
CA PRO D 38 -8.06 16.29 0.71
C PRO D 38 -8.15 15.87 -0.73
N SER D 39 -9.06 16.46 -1.47
CA SER D 39 -9.04 16.33 -2.91
C SER D 39 -8.17 17.39 -3.52
N ILE D 40 -7.65 17.16 -4.70
CA ILE D 40 -6.94 18.17 -5.42
C ILE D 40 -7.65 18.48 -6.72
N VAL D 41 -7.88 19.76 -6.98
CA VAL D 41 -8.45 20.19 -8.24
C VAL D 41 -7.54 21.14 -8.95
N TRP D 42 -7.49 21.06 -10.26
CA TRP D 42 -6.61 21.88 -11.03
C TRP D 42 -7.41 22.91 -11.77
N ARG D 43 -6.91 24.12 -11.84
CA ARG D 43 -7.56 25.17 -12.57
C ARG D 43 -6.61 25.89 -13.46
N LYS D 44 -7.12 26.40 -14.57
CA LYS D 44 -6.36 27.22 -15.49
C LYS D 44 -7.00 28.57 -15.59
N ASN D 45 -6.27 29.61 -15.21
CA ASN D 45 -6.75 30.97 -15.19
C ASN D 45 -8.03 31.11 -14.43
N GLY D 46 -8.16 30.38 -13.35
CA GLY D 46 -9.34 30.45 -12.53
C GLY D 46 -10.48 29.51 -12.85
N LYS D 47 -10.38 28.76 -13.92
CA LYS D 47 -11.46 27.92 -14.35
C LYS D 47 -11.05 26.46 -14.36
N LYS D 48 -11.91 25.63 -13.82
CA LYS D 48 -11.58 24.25 -13.59
C LYS D 48 -11.35 23.60 -14.91
N VAL D 49 -10.40 22.69 -14.96
CA VAL D 49 -10.12 21.97 -16.17
C VAL D 49 -10.79 20.61 -16.13
N SER D 50 -11.51 20.25 -17.17
CA SER D 50 -12.22 18.97 -17.16
C SER D 50 -12.27 18.24 -18.49
N GLY D 51 -12.85 17.04 -18.47
CA GLY D 51 -12.89 16.15 -19.60
C GLY D 51 -12.49 16.75 -20.93
N SER D 54 -8.56 17.59 -22.47
CA SER D 54 -8.26 16.51 -23.40
C SER D 54 -6.83 16.60 -23.92
N ARG D 55 -6.31 17.80 -23.99
CA ARG D 55 -4.90 17.97 -24.17
C ARG D 55 -4.30 17.97 -22.79
N TYR D 56 -5.17 17.95 -21.79
CA TYR D 56 -4.80 17.86 -20.39
C TYR D 56 -5.30 16.57 -19.77
N THR D 57 -4.42 15.87 -19.08
CA THR D 57 -4.85 14.73 -18.32
C THR D 57 -4.40 14.91 -16.90
N VAL D 58 -5.28 14.60 -15.98
CA VAL D 58 -4.98 14.68 -14.57
C VAL D 58 -4.69 13.30 -14.08
N LEU D 59 -3.52 13.13 -13.49
CA LEU D 59 -3.08 11.83 -13.07
C LEU D 59 -2.98 11.77 -11.56
N GLU D 60 -3.70 10.83 -10.97
CA GLU D 60 -3.57 10.53 -9.56
C GLU D 60 -2.41 9.58 -9.29
N GLN D 61 -1.90 9.56 -8.09
CA GLN D 61 -0.74 8.75 -7.78
C GLN D 61 -0.69 8.48 -6.30
N PRO D 62 0.12 7.52 -5.88
CA PRO D 62 0.22 7.20 -4.47
C PRO D 62 0.98 8.25 -3.70
N GLY D 63 0.62 8.43 -2.44
CA GLY D 63 1.21 9.46 -1.63
C GLY D 63 0.42 10.72 -1.73
N GLY D 64 -0.67 10.65 -2.46
CA GLY D 64 -1.52 11.81 -2.66
C GLY D 64 -1.08 12.82 -3.70
N ILE D 65 -0.33 12.48 -4.60
CA ILE D 65 0.16 13.29 -5.68
C ILE D 65 -0.83 13.42 -6.82
N SER D 66 -0.95 14.57 -7.28
CA SER D 66 -1.74 14.83 -8.47
C SER D 66 -0.95 15.52 -9.58
N ILE D 67 -1.05 14.98 -10.77
CA ILE D 67 -0.30 15.48 -11.90
C ILE D 67 -1.22 15.98 -13.02
N LEU D 68 -0.90 17.16 -13.52
CA LEU D 68 -1.49 17.70 -14.72
C LEU D 68 -0.50 17.68 -15.83
N ARG D 69 -0.88 17.06 -16.92
CA ARG D 69 -0.03 16.93 -18.06
C ARG D 69 -0.66 17.61 -19.25
N ILE D 70 0.10 18.43 -19.94
CA ILE D 70 -0.43 19.07 -21.10
C ILE D 70 0.32 18.66 -22.33
N GLU D 71 -0.39 18.08 -23.28
CA GLU D 71 0.21 17.64 -24.52
C GLU D 71 -0.76 17.73 -25.69
N PRO D 72 -0.37 18.30 -26.81
CA PRO D 72 0.81 19.11 -26.99
C PRO D 72 0.54 20.48 -26.51
N VAL D 73 1.57 21.23 -26.22
CA VAL D 73 1.42 22.57 -25.74
C VAL D 73 1.18 23.60 -26.85
N ARG D 74 0.14 24.39 -26.69
CA ARG D 74 -0.29 25.40 -27.66
C ARG D 74 0.17 26.77 -27.25
N ALA D 75 0.87 27.46 -28.11
CA ALA D 75 1.48 28.69 -27.70
C ALA D 75 0.57 29.78 -27.20
N GLY D 76 -0.53 30.08 -27.86
CA GLY D 76 -1.45 31.00 -27.23
C GLY D 76 -2.28 30.47 -26.08
N ARG D 77 -2.93 29.36 -26.35
CA ARG D 77 -3.96 28.82 -25.53
C ARG D 77 -3.43 28.49 -24.15
N ASP D 78 -2.19 28.03 -24.09
CA ASP D 78 -1.63 27.44 -22.88
C ASP D 78 -0.73 28.30 -22.07
N ASP D 79 -0.68 29.59 -22.35
CA ASP D 79 0.06 30.51 -21.51
C ASP D 79 -0.86 31.05 -20.43
N ALA D 80 -0.89 30.36 -19.31
CA ALA D 80 -1.78 30.67 -18.22
C ALA D 80 -1.17 30.14 -16.93
N PRO D 81 -1.77 30.49 -15.81
CA PRO D 81 -1.36 29.96 -14.52
C PRO D 81 -2.13 28.71 -14.18
N TYR D 82 -1.43 27.70 -13.70
CA TYR D 82 -2.11 26.49 -13.32
C TYR D 82 -2.08 26.26 -11.82
N GLU D 83 -3.24 26.06 -11.24
CA GLU D 83 -3.38 26.03 -9.82
C GLU D 83 -4.01 24.78 -9.27
N CYS D 84 -3.45 24.27 -8.18
CA CYS D 84 -4.04 23.13 -7.50
C CYS D 84 -4.80 23.60 -6.30
N VAL D 85 -5.94 23.02 -6.06
CA VAL D 85 -6.80 23.44 -4.99
C VAL D 85 -7.06 22.26 -4.13
N ALA D 86 -6.83 22.37 -2.84
CA ALA D 86 -7.08 21.26 -1.97
C ALA D 86 -8.20 21.57 -0.99
N GLU D 87 -9.30 20.83 -1.07
CA GLU D 87 -10.43 21.04 -0.17
C GLU D 87 -10.72 19.77 0.60
N ASN D 88 -10.93 19.86 1.90
CA ASN D 88 -11.44 18.73 2.66
C ASN D 88 -12.70 19.03 3.46
N GLY D 89 -13.12 20.29 3.42
CA GLY D 89 -14.33 20.67 4.10
C GLY D 89 -14.07 20.84 5.57
N VAL D 90 -12.81 20.71 5.96
CA VAL D 90 -12.42 20.93 7.34
C VAL D 90 -11.80 22.30 7.53
N GLY D 91 -12.02 23.19 6.57
CA GLY D 91 -11.46 24.52 6.64
C GLY D 91 -11.68 25.25 5.34
N ASP D 92 -10.90 26.31 5.18
CA ASP D 92 -10.75 26.95 3.91
C ASP D 92 -9.92 26.00 3.05
N ALA D 93 -10.19 25.94 1.77
CA ALA D 93 -9.33 25.21 0.86
C ALA D 93 -8.04 25.97 0.71
N VAL D 94 -6.99 25.29 0.32
CA VAL D 94 -5.70 25.93 0.07
C VAL D 94 -5.29 25.74 -1.38
N SER D 95 -4.40 26.56 -1.88
CA SER D 95 -3.95 26.37 -3.23
C SER D 95 -2.58 26.91 -3.49
N ALA D 96 -1.99 26.52 -4.60
CA ALA D 96 -0.71 26.98 -5.02
C ALA D 96 -0.70 26.94 -6.52
N ASP D 97 -0.03 27.87 -7.16
CA ASP D 97 0.02 27.79 -8.60
C ASP D 97 1.34 28.07 -9.29
N ALA D 98 1.40 27.70 -10.54
CA ALA D 98 2.59 27.84 -11.30
C ALA D 98 2.25 28.24 -12.73
N THR D 99 3.24 28.71 -13.45
CA THR D 99 3.03 29.24 -14.77
C THR D 99 3.83 28.48 -15.80
N LEU D 100 3.39 28.57 -17.04
CA LEU D 100 3.99 27.87 -18.14
C LEU D 100 4.54 28.87 -19.12
N THR D 101 5.82 28.79 -19.43
CA THR D 101 6.41 29.64 -20.45
C THR D 101 6.73 28.82 -21.66
N ILE D 102 6.29 29.30 -22.82
CA ILE D 102 6.31 28.57 -24.06
C ILE D 102 7.24 29.25 -25.04
N TYR D 103 7.96 28.47 -25.81
CA TYR D 103 8.96 29.00 -26.69
C TYR D 103 8.73 28.57 -28.11
N GLU D 104 9.31 29.32 -29.03
CA GLU D 104 9.23 28.99 -30.44
C GLU D 104 10.58 29.10 -31.11
N LYS D 107 11.14 31.30 -30.61
CA LYS D 107 12.51 30.82 -30.57
C LYS D 107 13.00 30.64 -29.15
N THR D 108 13.35 29.42 -28.84
CA THR D 108 13.78 29.03 -27.52
C THR D 108 15.14 29.57 -27.20
N PRO D 109 15.43 29.65 -25.92
CA PRO D 109 16.69 30.19 -25.44
C PRO D 109 17.80 29.25 -25.78
N ALA D 110 19.00 29.78 -25.86
CA ALA D 110 20.15 28.98 -26.17
C ALA D 110 20.38 28.09 -24.95
N GLY D 111 20.73 26.84 -25.19
CA GLY D 111 21.00 25.98 -24.07
C GLY D 111 19.76 25.42 -23.44
N PHE D 112 18.62 25.66 -24.05
CA PHE D 112 17.41 25.04 -23.61
C PHE D 112 17.67 23.61 -23.98
N PRO D 113 17.11 22.68 -23.25
CA PRO D 113 17.45 21.28 -23.43
C PRO D 113 17.01 20.66 -24.75
N VAL D 114 17.95 20.02 -25.43
CA VAL D 114 17.67 19.35 -26.67
C VAL D 114 17.84 17.85 -26.53
N ILE D 115 16.85 17.09 -27.00
CA ILE D 115 16.89 15.63 -26.92
C ILE D 115 17.58 15.04 -28.15
N THR D 116 18.89 15.22 -28.24
CA THR D 116 19.66 14.70 -29.37
C THR D 116 19.09 13.36 -29.85
N GLN D 117 19.45 12.30 -29.14
CA GLN D 117 18.99 10.96 -29.50
C GLN D 117 17.81 10.54 -28.62
N GLY D 118 16.81 9.91 -29.24
CA GLY D 118 15.64 9.46 -28.52
C GLY D 118 15.67 7.97 -28.25
N PRO D 119 14.54 7.43 -27.79
CA PRO D 119 14.45 6.00 -27.51
C PRO D 119 13.58 5.51 -28.66
N GLY D 120 13.99 4.40 -29.28
CA GLY D 120 13.17 3.66 -30.21
C GLY D 120 12.44 2.49 -29.54
N THR D 121 11.36 2.04 -30.17
CA THR D 121 10.59 0.96 -29.66
C THR D 121 11.34 -0.39 -29.74
N ARG D 122 11.21 -1.21 -28.72
CA ARG D 122 11.89 -2.49 -28.65
C ARG D 122 11.01 -3.64 -28.20
N VAL D 123 11.30 -4.82 -28.67
CA VAL D 123 10.66 -5.97 -28.10
C VAL D 123 11.76 -6.89 -27.54
N ILE D 124 11.59 -7.26 -26.28
CA ILE D 124 12.60 -7.97 -25.57
C ILE D 124 12.02 -9.26 -25.00
N GLU D 125 12.81 -10.32 -25.05
CA GLU D 125 12.42 -11.61 -24.51
C GLU D 125 12.40 -11.59 -23.00
N VAL D 126 11.48 -12.32 -22.42
CA VAL D 126 11.33 -12.29 -20.99
C VAL D 126 12.63 -12.72 -20.36
N GLY D 127 13.01 -12.08 -19.28
CA GLY D 127 14.25 -12.42 -18.61
C GLY D 127 15.50 -11.82 -19.20
N HIS D 128 15.34 -10.88 -20.10
CA HIS D 128 16.48 -10.28 -20.75
C HIS D 128 16.60 -8.84 -20.39
N THR D 129 17.78 -8.31 -20.59
CA THR D 129 18.12 -6.97 -20.23
C THR D 129 17.92 -5.98 -21.37
N VAL D 130 17.40 -4.81 -21.08
CA VAL D 130 17.16 -3.81 -22.10
C VAL D 130 17.86 -2.55 -21.79
N LEU D 131 18.42 -1.90 -22.80
CA LEU D 131 18.94 -0.56 -22.67
C LEU D 131 18.15 0.36 -23.58
N MET D 132 17.61 1.44 -23.06
CA MET D 132 16.94 2.41 -23.91
C MET D 132 17.75 3.65 -23.86
N THR D 133 17.92 4.32 -24.98
CA THR D 133 18.83 5.46 -25.08
C THR D 133 18.12 6.79 -24.99
N CYS D 134 18.79 7.79 -24.40
CA CYS D 134 18.33 9.17 -24.37
C CYS D 134 19.53 10.11 -24.17
N LYS D 135 19.95 10.78 -25.24
CA LYS D 135 21.11 11.65 -25.19
C LYS D 135 20.66 13.09 -25.21
N ALA D 136 21.22 13.93 -24.35
CA ALA D 136 20.75 15.29 -24.26
C ALA D 136 21.81 16.33 -24.00
N ILE D 137 21.60 17.53 -24.54
CA ILE D 137 22.46 18.69 -24.29
C ILE D 137 21.67 19.89 -23.81
N GLY D 138 22.27 20.65 -22.89
CA GLY D 138 21.75 21.92 -22.45
C GLY D 138 22.83 22.70 -21.75
N ASN D 139 22.64 23.99 -21.56
CA ASN D 139 23.44 24.76 -20.62
C ASN D 139 22.43 25.45 -19.78
N PRO D 140 22.31 25.12 -18.51
CA PRO D 140 23.14 24.19 -17.78
C PRO D 140 22.93 22.79 -18.30
N THR D 141 23.87 21.87 -18.08
CA THR D 141 23.70 20.51 -18.58
C THR D 141 22.54 19.86 -17.88
N PRO D 142 21.68 19.24 -18.64
CA PRO D 142 20.45 18.71 -18.10
C PRO D 142 20.54 17.39 -17.34
N ASN D 143 19.73 17.32 -16.31
CA ASN D 143 19.40 16.11 -15.65
C ASN D 143 18.43 15.31 -16.51
N ILE D 144 18.61 14.00 -16.57
CA ILE D 144 17.74 13.10 -17.31
C ILE D 144 17.06 12.06 -16.46
N TYR D 145 15.76 11.89 -16.70
CA TYR D 145 14.93 10.90 -16.05
C TYR D 145 13.93 10.23 -16.95
N TRP D 146 13.29 9.20 -16.48
CA TRP D 146 12.50 8.37 -17.34
C TRP D 146 11.06 8.29 -16.91
N ILE D 147 10.16 8.30 -17.87
CA ILE D 147 8.76 8.23 -17.56
C ILE D 147 8.15 7.07 -18.27
N LYS D 148 7.26 6.35 -17.61
CA LYS D 148 6.53 5.29 -18.27
C LYS D 148 5.04 5.46 -18.11
N ASN D 149 4.30 5.39 -19.20
CA ASN D 149 2.86 5.57 -19.17
C ASN D 149 2.55 6.87 -18.49
N GLN D 150 3.37 7.86 -18.75
CA GLN D 150 3.17 9.19 -18.23
C GLN D 150 3.48 9.29 -16.76
N THR D 151 4.15 8.30 -16.19
CA THR D 151 4.49 8.31 -14.77
C THR D 151 5.98 8.11 -14.57
N LYS D 152 6.56 8.75 -13.59
CA LYS D 152 7.98 8.58 -13.37
C LYS D 152 8.28 7.15 -13.10
N VAL D 153 9.36 6.66 -13.67
CA VAL D 153 9.81 5.33 -13.39
C VAL D 153 10.43 5.27 -12.00
N ASP D 154 10.15 4.24 -11.21
CA ASP D 154 10.69 4.19 -9.86
C ASP D 154 12.09 3.67 -9.94
N MET D 155 13.03 4.54 -9.65
CA MET D 155 14.43 4.17 -9.72
C MET D 155 14.93 3.37 -8.50
N SER D 156 14.07 3.24 -7.52
CA SER D 156 14.18 2.35 -6.38
C SER D 156 14.12 0.87 -6.76
N ASN D 157 13.40 0.54 -7.82
CA ASN D 157 13.29 -0.84 -8.25
C ASN D 157 14.67 -1.37 -8.58
N PRO D 158 15.02 -2.54 -8.04
CA PRO D 158 16.39 -3.01 -8.10
C PRO D 158 16.81 -3.29 -9.51
N ARG D 159 15.85 -3.61 -10.34
CA ARG D 159 16.12 -3.99 -11.70
C ARG D 159 16.31 -2.85 -12.67
N TYR D 160 16.14 -1.62 -12.23
CA TYR D 160 16.27 -0.48 -13.08
C TYR D 160 17.44 0.36 -12.63
N SER D 161 18.31 0.73 -13.55
CA SER D 161 19.36 1.69 -13.27
C SER D 161 19.66 2.62 -14.45
N LEU D 162 20.36 3.69 -14.20
CA LEU D 162 20.74 4.60 -15.23
C LEU D 162 22.20 4.43 -15.53
N LYS D 163 22.58 4.27 -16.78
CA LYS D 163 23.97 4.38 -17.16
C LYS D 163 24.18 5.47 -18.19
N ASP D 164 24.69 6.60 -17.76
CA ASP D 164 24.96 7.73 -18.62
C ASP D 164 23.72 8.20 -19.35
N GLY D 165 22.59 8.16 -18.67
CA GLY D 165 21.33 8.66 -19.18
C GLY D 165 20.49 7.58 -19.79
N PHE D 166 21.11 6.48 -20.15
CA PHE D 166 20.38 5.33 -20.61
C PHE D 166 19.63 4.64 -19.49
N LEU D 167 18.45 4.14 -19.77
CA LEU D 167 17.70 3.42 -18.78
C LEU D 167 17.90 1.94 -18.99
N GLN D 168 18.29 1.24 -17.94
CA GLN D 168 18.55 -0.19 -18.06
C GLN D 168 17.54 -0.98 -17.28
N ILE D 169 17.02 -2.00 -17.90
CA ILE D 169 16.12 -2.85 -17.20
C ILE D 169 16.71 -4.25 -17.22
N GLU D 170 16.92 -4.83 -16.04
CA GLU D 170 17.46 -6.17 -15.93
C GLU D 170 16.33 -7.15 -15.74
N ASN D 171 16.52 -8.36 -16.17
CA ASN D 171 15.54 -9.37 -15.89
C ASN D 171 14.12 -8.96 -16.22
N SER D 172 13.83 -8.76 -17.49
CA SER D 172 12.56 -8.21 -17.92
C SER D 172 11.38 -9.07 -17.60
N ARG D 173 10.31 -8.43 -17.24
CA ARG D 173 9.06 -9.05 -16.89
C ARG D 173 8.00 -8.46 -17.76
N GLU D 174 6.83 -9.05 -17.74
CA GLU D 174 5.67 -8.52 -18.46
C GLU D 174 5.28 -7.18 -17.92
N GLU D 175 5.55 -6.96 -16.66
CA GLU D 175 5.19 -5.74 -15.98
C GLU D 175 5.86 -4.51 -16.54
N ASP D 176 7.03 -4.68 -17.13
CA ASP D 176 7.81 -3.58 -17.68
C ASP D 176 7.23 -2.97 -18.96
N GLN D 177 6.29 -3.66 -19.57
CA GLN D 177 5.73 -3.21 -20.82
C GLN D 177 5.11 -1.86 -20.63
N GLY D 178 5.35 -0.99 -21.59
CA GLY D 178 4.69 0.28 -21.59
C GLY D 178 5.28 1.20 -22.60
N LYS D 179 4.82 2.44 -22.59
CA LYS D 179 5.40 3.43 -23.45
C LYS D 179 6.25 4.33 -22.63
N TYR D 180 7.53 4.34 -22.94
CA TYR D 180 8.53 5.04 -22.19
C TYR D 180 8.91 6.35 -22.86
N GLU D 181 9.22 7.36 -22.09
CA GLU D 181 9.86 8.52 -22.65
C GLU D 181 10.99 8.96 -21.77
N CYS D 182 12.22 9.55 -22.50
CA CYS D 182 13.18 10.26 -21.65
C CYS D 182 12.88 11.75 -21.66
N VAL D 183 13.13 12.22 -20.42
CA VAL D 183 12.92 13.63 -20.20
C VAL D 183 14.22 14.29 -19.83
N ALA D 184 14.55 15.41 -20.45
CA ALA D 184 15.75 16.13 -20.11
C ALA D 184 15.45 17.53 -19.61
N GLU D 185 16.10 17.93 -18.52
CA GLU D 185 15.67 19.10 -17.79
C GLU D 185 16.74 20.12 -17.34
N ASN D 186 16.28 21.33 -17.09
CA ASN D 186 17.10 22.53 -16.97
C ASN D 186 16.41 23.63 -16.26
N SER D 187 17.17 24.67 -15.99
CA SER D 187 16.65 25.90 -15.49
C SER D 187 15.74 26.51 -16.51
N MET D 188 16.15 26.44 -17.77
CA MET D 188 15.35 26.93 -18.86
C MET D 188 14.05 26.17 -19.02
N GLY D 189 14.08 24.86 -19.01
CA GLY D 189 12.87 24.11 -19.22
C GLY D 189 13.05 22.62 -19.33
N THR D 190 11.99 21.96 -19.73
CA THR D 190 11.94 20.53 -19.85
C THR D 190 11.67 20.10 -21.27
N GLU D 191 12.33 19.07 -21.75
CA GLU D 191 12.03 18.48 -23.04
C GLU D 191 11.72 16.98 -22.97
N HIS D 192 10.60 16.56 -23.53
CA HIS D 192 10.20 15.19 -23.55
C HIS D 192 10.49 14.60 -24.89
N SER D 193 11.03 13.40 -24.90
CA SER D 193 11.26 12.63 -26.11
C SER D 193 9.93 12.07 -26.60
N LYS D 194 9.89 11.53 -27.80
CA LYS D 194 8.68 10.84 -28.21
C LYS D 194 8.48 9.55 -27.45
N ALA D 195 7.24 9.26 -27.13
CA ALA D 195 6.92 8.10 -26.38
C ALA D 195 7.01 6.84 -27.22
N THR D 196 7.72 5.83 -26.76
CA THR D 196 7.88 4.59 -27.49
C THR D 196 7.63 3.31 -26.70
N ASN D 197 7.00 2.33 -27.29
CA ASN D 197 6.70 1.08 -26.62
C ASN D 197 7.92 0.24 -26.30
N LEU D 198 7.86 -0.48 -25.20
CA LEU D 198 8.76 -1.61 -24.94
C LEU D 198 7.82 -2.77 -24.87
N TYR D 199 8.07 -3.81 -25.63
CA TYR D 199 7.18 -4.95 -25.62
C TYR D 199 7.96 -6.09 -25.09
N VAL D 200 7.32 -6.93 -24.31
CA VAL D 200 8.02 -8.03 -23.75
C VAL D 200 7.52 -9.32 -24.30
N LYS D 201 8.47 -10.07 -24.82
CA LYS D 201 8.20 -11.26 -25.55
C LYS D 201 8.29 -12.41 -24.59
N VAL D 202 7.23 -13.19 -24.51
CA VAL D 202 7.13 -14.34 -23.63
C VAL D 202 7.55 -15.63 -24.32
N ARG D 203 8.80 -16.02 -24.15
CA ARG D 203 9.28 -17.24 -24.75
C ARG D 203 8.53 -18.43 -24.18
#